data_8J3X
#
_entry.id   8J3X
#
_cell.length_a   84.807
_cell.length_b   146.033
_cell.length_c   76.847
_cell.angle_alpha   90.00
_cell.angle_beta   90.00
_cell.angle_gamma   90.00
#
_symmetry.space_group_name_H-M   'P 21 21 2'
#
loop_
_entity.id
_entity.type
_entity.pdbx_description
1 polymer 'Putative polysaccharide-binding protein'
2 non-polymer GLYCEROL
3 non-polymer 'MAGNESIUM ION'
4 water water
#
_entity_poly.entity_id   1
_entity_poly.type   'polypeptide(L)'
_entity_poly.pdbx_seq_one_letter_code
;H(MSE)AQD(MSE)RSEKRGLAYGYHSENDLKA(MSE)QGKVKWWYNWDTQADANVKENYASYGYDFVP(MSE)AWDENF
NEEALRSFLDNHPDVKYLLGWNEPNF(MSE)EQANLTPAEAAAHWPVLEAIAQDYNLKLVAPAVNYSPGNVDIPGTDDDY
DPWLYLDAFFEACEGCQVDYIAVHCY(MSE)KYESAFSWYVGEFERYNKPIWVTEWAGWDDGGPAN(MSE)GEQ(MSE)N
FLSDTVRW(MSE)ESNDNIYRYSWFLGRSSEGYDQFPYLDVLLADGELTPLGSVYTSIPSNDFRYKIPARIEAEGAHSLT
GFKHLATTDTTGLAKLIAASNEVAEYKLNVEEGGDYTLALRLASSANSDIAIRVDGLLVYTFEDINTGGVEAW(MSE)TF
SSTPISLTAGDHILRVESKSSRFGFNWLELTN
;
_entity_poly.pdbx_strand_id   A,B
#
# COMPACT_ATOMS: atom_id res chain seq x y z
N GLN A 4 13.28 -3.69 -22.69
CA GLN A 4 12.28 -3.44 -21.63
C GLN A 4 12.33 -1.99 -21.09
N ASP A 5 11.20 -1.53 -20.54
CA ASP A 5 11.14 -0.23 -19.90
C ASP A 5 12.06 -0.23 -18.66
N ARG A 7 13.21 -0.56 -15.13
CA ARG A 7 12.61 -1.61 -14.30
C ARG A 7 12.14 -1.05 -12.97
N SER A 8 12.87 -0.07 -12.43
CA SER A 8 12.52 0.60 -11.18
C SER A 8 13.06 2.02 -11.25
N GLU A 9 12.24 3.00 -10.87
CA GLU A 9 12.72 4.37 -10.79
C GLU A 9 13.36 4.66 -9.45
N LYS A 10 13.02 3.89 -8.43
CA LYS A 10 13.52 4.07 -7.07
C LYS A 10 14.85 3.38 -6.83
N ARG A 11 15.13 2.28 -7.54
CA ARG A 11 16.25 1.44 -7.15
C ARG A 11 17.58 2.09 -7.45
N GLY A 12 18.44 2.14 -6.45
CA GLY A 12 19.83 2.54 -6.63
C GLY A 12 20.80 1.53 -6.05
N LEU A 13 22.04 1.97 -5.85
CA LEU A 13 23.09 1.12 -5.32
C LEU A 13 24.09 1.99 -4.59
N ALA A 14 24.66 1.44 -3.53
CA ALA A 14 25.71 2.11 -2.77
C ALA A 14 26.99 1.36 -3.08
N TYR A 15 27.91 2.01 -3.78
CA TYR A 15 29.16 1.37 -4.20
C TYR A 15 30.04 2.42 -4.84
N GLY A 16 31.35 2.40 -4.58
CA GLY A 16 32.26 3.38 -5.13
C GLY A 16 33.26 2.96 -6.18
N TYR A 17 33.20 1.74 -6.71
CA TYR A 17 34.23 1.23 -7.61
C TYR A 17 33.63 0.59 -8.86
N HIS A 18 32.52 1.13 -9.35
CA HIS A 18 31.95 0.68 -10.61
C HIS A 18 32.97 0.78 -11.74
N SER A 19 32.89 -0.17 -12.65
CA SER A 19 33.45 -0.06 -13.99
C SER A 19 32.31 0.25 -14.96
N GLU A 20 32.65 0.65 -16.18
CA GLU A 20 31.59 0.81 -17.17
C GLU A 20 30.86 -0.51 -17.41
N ASN A 21 31.55 -1.64 -17.33
CA ASN A 21 30.87 -2.92 -17.54
C ASN A 21 29.92 -3.21 -16.38
N ASP A 22 30.29 -2.84 -15.15
CA ASP A 22 29.36 -2.99 -14.03
C ASP A 22 28.06 -2.21 -14.27
N LEU A 23 28.17 -0.95 -14.71
CA LEU A 23 26.99 -0.14 -14.95
C LEU A 23 26.14 -0.71 -16.07
N LYS A 24 26.77 -1.28 -17.10
CA LYS A 24 26.00 -1.87 -18.20
C LYS A 24 25.31 -3.15 -17.78
N ALA A 25 25.88 -3.90 -16.83
CA ALA A 25 25.23 -5.12 -16.37
C ALA A 25 23.91 -4.82 -15.67
N GLN A 27 22.18 -1.87 -16.28
CA GLN A 27 21.54 -0.78 -17.02
C GLN A 27 20.03 -0.98 -17.17
N GLY A 28 19.28 0.11 -16.96
CA GLY A 28 17.83 0.03 -17.11
C GLY A 28 17.16 -0.85 -16.08
N LYS A 29 17.89 -1.20 -15.03
CA LYS A 29 17.33 -1.90 -13.86
C LYS A 29 17.74 -1.21 -12.58
N VAL A 30 18.68 -0.27 -12.64
CA VAL A 30 19.11 0.52 -11.50
C VAL A 30 19.19 1.96 -12.01
N LYS A 31 18.59 2.90 -11.28
CA LYS A 31 18.41 4.26 -11.77
C LYS A 31 19.51 5.21 -11.33
N TRP A 32 19.94 5.12 -10.07
CA TRP A 32 20.92 6.06 -9.51
C TRP A 32 21.91 5.27 -8.68
N TRP A 33 22.99 5.93 -8.24
CA TRP A 33 23.86 5.34 -7.24
C TRP A 33 24.62 6.46 -6.56
N TYR A 34 25.26 6.13 -5.44
CA TYR A 34 26.11 7.07 -4.73
C TYR A 34 27.24 6.29 -4.04
N ASN A 35 28.30 7.01 -3.65
CA ASN A 35 29.52 6.36 -3.16
C ASN A 35 30.06 7.03 -1.90
N TRP A 36 29.23 7.78 -1.16
CA TRP A 36 29.62 8.56 0.01
C TRP A 36 30.64 9.64 -0.32
N ASP A 37 30.87 9.97 -1.59
CA ASP A 37 31.94 10.91 -1.94
C ASP A 37 31.38 11.97 -2.89
N THR A 38 32.22 12.92 -3.22
CA THR A 38 31.81 14.17 -3.83
C THR A 38 31.72 14.12 -5.36
N GLN A 39 32.10 13.00 -5.98
CA GLN A 39 32.04 12.85 -7.43
C GLN A 39 31.92 11.37 -7.77
N ALA A 40 31.57 11.09 -9.03
CA ALA A 40 31.30 9.72 -9.44
C ALA A 40 32.58 8.90 -9.49
N ASP A 41 32.43 7.56 -9.41
CA ASP A 41 33.55 6.64 -9.51
C ASP A 41 34.41 6.95 -10.74
N ALA A 42 35.73 6.91 -10.57
CA ALA A 42 36.65 7.37 -11.62
C ALA A 42 36.45 6.64 -12.95
N ASN A 43 36.22 5.33 -12.92
CA ASN A 43 36.15 4.62 -14.19
C ASN A 43 34.84 4.84 -14.93
N VAL A 44 33.84 5.45 -14.31
CA VAL A 44 32.56 5.72 -14.94
C VAL A 44 32.22 7.20 -14.96
N LYS A 45 33.11 8.05 -14.45
CA LYS A 45 32.79 9.46 -14.31
C LYS A 45 32.37 10.07 -15.64
N GLU A 46 33.01 9.66 -16.73
CA GLU A 46 32.77 10.29 -18.03
C GLU A 46 31.52 9.76 -18.72
N ASN A 47 31.08 8.53 -18.43
CA ASN A 47 30.04 7.90 -19.25
C ASN A 47 28.83 7.38 -18.49
N TYR A 48 28.78 7.51 -17.15
CA TYR A 48 27.66 6.92 -16.42
C TYR A 48 26.32 7.44 -16.92
N ALA A 49 26.24 8.73 -17.24
CA ALA A 49 24.96 9.31 -17.65
C ALA A 49 24.45 8.68 -18.94
N SER A 50 25.35 8.22 -19.81
CA SER A 50 24.91 7.63 -21.06
C SER A 50 24.26 6.26 -20.88
N TYR A 51 24.48 5.58 -19.75
CA TYR A 51 23.79 4.33 -19.45
C TYR A 51 22.52 4.53 -18.62
N GLY A 52 22.01 5.75 -18.52
CA GLY A 52 20.74 5.99 -17.86
C GLY A 52 20.79 6.26 -16.37
N TYR A 53 21.98 6.41 -15.79
CA TYR A 53 22.13 6.61 -14.36
C TYR A 53 22.24 8.09 -14.05
N ASP A 54 21.82 8.48 -12.85
CA ASP A 54 22.24 9.75 -12.30
C ASP A 54 23.01 9.49 -11.03
N PHE A 55 24.05 10.27 -10.80
CA PHE A 55 24.91 10.11 -9.64
C PHE A 55 24.53 11.16 -8.61
N VAL A 56 24.38 10.72 -7.37
CA VAL A 56 24.06 11.60 -6.25
C VAL A 56 25.35 11.80 -5.44
N PRO A 57 25.99 12.96 -5.53
CA PRO A 57 27.13 13.25 -4.66
C PRO A 57 26.73 13.37 -3.18
N ALA A 59 28.11 15.08 0.76
CA ALA A 59 28.97 15.75 1.75
C ALA A 59 28.98 14.87 3.00
N TRP A 60 30.04 14.07 3.15
CA TRP A 60 30.05 13.03 4.18
C TRP A 60 30.05 13.63 5.57
N ASP A 61 30.85 14.68 5.79
CA ASP A 61 30.70 15.49 6.99
C ASP A 61 30.96 16.95 6.62
N GLU A 62 31.15 17.79 7.64
CA GLU A 62 31.34 19.22 7.42
C GLU A 62 32.68 19.54 6.73
N ASN A 63 33.65 18.64 6.82
CA ASN A 63 34.97 18.88 6.23
C ASN A 63 35.12 18.22 4.87
N PHE A 64 34.07 18.16 4.06
CA PHE A 64 34.19 17.63 2.72
C PHE A 64 34.98 18.60 1.83
N ASN A 65 35.32 18.14 0.64
CA ASN A 65 36.11 18.91 -0.33
C ASN A 65 35.12 19.62 -1.23
N GLU A 66 34.80 20.86 -0.87
CA GLU A 66 33.81 21.62 -1.64
C GLU A 66 34.30 21.91 -3.04
N GLU A 67 35.61 22.11 -3.21
CA GLU A 67 36.14 22.40 -4.55
C GLU A 67 35.91 21.22 -5.50
N ALA A 68 36.21 20.00 -5.05
CA ALA A 68 35.98 18.83 -5.90
C ALA A 68 34.51 18.65 -6.22
N LEU A 69 33.63 18.90 -5.24
CA LEU A 69 32.19 18.77 -5.47
C LEU A 69 31.70 19.82 -6.46
N ARG A 70 32.11 21.08 -6.27
CA ARG A 70 31.67 22.10 -7.21
C ARG A 70 32.26 21.86 -8.59
N SER A 71 33.51 21.40 -8.66
CA SER A 71 34.12 21.10 -9.95
C SER A 71 33.42 19.95 -10.65
N PHE A 72 33.09 18.88 -9.92
CA PHE A 72 32.35 17.77 -10.52
C PHE A 72 30.99 18.23 -11.03
N LEU A 73 30.26 19.01 -10.22
CA LEU A 73 28.95 19.51 -10.62
C LEU A 73 29.06 20.37 -11.88
N ASP A 74 30.13 21.15 -12.00
CA ASP A 74 30.33 22.00 -13.17
C ASP A 74 30.21 21.23 -14.47
N ASN A 75 30.66 19.97 -14.48
CA ASN A 75 30.73 19.17 -15.70
C ASN A 75 29.65 18.10 -15.78
N HIS A 76 28.72 18.08 -14.83
CA HIS A 76 27.63 17.11 -14.82
C HIS A 76 26.34 17.80 -14.40
N PRO A 77 25.75 18.59 -15.30
CA PRO A 77 24.48 19.25 -14.98
C PRO A 77 23.31 18.28 -14.87
N ASP A 78 23.54 16.97 -15.08
CA ASP A 78 22.55 15.94 -14.88
C ASP A 78 22.29 15.66 -13.41
N VAL A 79 23.15 16.14 -12.53
CA VAL A 79 23.03 15.86 -11.10
C VAL A 79 21.91 16.70 -10.52
N LYS A 80 21.00 16.04 -9.79
CA LYS A 80 19.78 16.66 -9.31
C LYS A 80 19.62 16.67 -7.79
N TYR A 81 20.45 15.92 -7.05
CA TYR A 81 20.32 15.74 -5.61
C TYR A 81 21.67 15.80 -4.91
N LEU A 82 21.65 16.19 -3.64
CA LEU A 82 22.85 16.23 -2.82
C LEU A 82 22.52 15.62 -1.46
N LEU A 83 23.28 14.59 -1.08
CA LEU A 83 23.11 13.95 0.21
C LEU A 83 23.87 14.74 1.28
N GLY A 84 23.22 14.98 2.41
CA GLY A 84 23.87 15.63 3.54
C GLY A 84 24.67 14.64 4.38
N TRP A 85 25.06 15.11 5.57
CA TRP A 85 26.07 14.41 6.37
C TRP A 85 25.66 12.96 6.62
N ASN A 86 26.66 12.11 6.79
CA ASN A 86 26.44 10.67 6.89
C ASN A 86 26.56 10.25 8.35
N GLU A 87 25.44 9.77 8.91
CA GLU A 87 25.35 9.33 10.30
C GLU A 87 26.03 10.32 11.27
N PRO A 88 25.59 11.59 11.27
CA PRO A 88 26.19 12.55 12.21
C PRO A 88 25.91 12.22 13.66
N ASN A 89 24.88 11.42 13.96
CA ASN A 89 24.60 10.94 15.31
C ASN A 89 25.43 9.72 15.72
N PHE A 90 26.41 9.30 14.90
CA PHE A 90 27.39 8.28 15.26
C PHE A 90 28.73 8.97 15.50
N GLU A 92 31.69 7.59 15.37
CA GLU A 92 32.70 7.15 14.41
C GLU A 92 32.38 7.58 12.98
N GLN A 93 31.30 8.31 12.76
CA GLN A 93 31.00 8.78 11.41
C GLN A 93 31.12 10.30 11.39
N ALA A 94 30.14 10.99 10.81
CA ALA A 94 30.23 12.45 10.67
C ALA A 94 30.32 13.18 12.02
N ASN A 95 29.80 12.58 13.10
CA ASN A 95 30.04 13.07 14.48
C ASN A 95 29.61 14.53 14.68
N LEU A 96 28.37 14.85 14.29
CA LEU A 96 27.86 16.20 14.43
C LEU A 96 26.56 16.19 15.23
N THR A 97 26.55 16.87 16.38
CA THR A 97 25.32 17.06 17.13
C THR A 97 24.30 17.81 16.27
N PRO A 98 23.01 17.70 16.59
CA PRO A 98 21.99 18.31 15.71
C PRO A 98 22.24 19.79 15.38
N ALA A 99 22.58 20.61 16.39
CA ALA A 99 22.87 22.01 16.13
C ALA A 99 24.02 22.19 15.15
N GLU A 100 25.09 21.39 15.31
CA GLU A 100 26.24 21.50 14.40
C GLU A 100 25.84 21.18 12.98
N ALA A 101 25.11 20.08 12.80
CA ALA A 101 24.70 19.67 11.47
C ALA A 101 23.87 20.74 10.79
N ALA A 102 22.99 21.43 11.55
CA ALA A 102 22.23 22.55 11.01
C ALA A 102 23.11 23.77 10.80
N ALA A 103 24.02 24.04 11.75
CA ALA A 103 24.94 25.16 11.60
C ALA A 103 25.66 25.12 10.25
N HIS A 104 26.14 23.94 9.85
CA HIS A 104 26.90 23.82 8.62
C HIS A 104 26.02 23.64 7.39
N TRP A 105 24.70 23.57 7.57
CA TRP A 105 23.82 23.29 6.44
C TRP A 105 23.81 24.36 5.35
N PRO A 106 24.00 25.65 5.63
CA PRO A 106 24.04 26.63 4.52
C PRO A 106 25.07 26.31 3.45
N VAL A 107 26.18 25.67 3.81
CA VAL A 107 27.17 25.29 2.81
C VAL A 107 26.52 24.43 1.73
N LEU A 108 25.61 23.54 2.14
CA LEU A 108 24.92 22.68 1.18
C LEU A 108 23.81 23.42 0.44
N GLU A 109 23.12 24.35 1.10
CA GLU A 109 22.08 25.10 0.40
C GLU A 109 22.69 25.97 -0.69
N ALA A 110 23.79 26.66 -0.39
CA ALA A 110 24.46 27.47 -1.40
C ALA A 110 24.82 26.63 -2.63
N ILE A 111 25.31 25.41 -2.40
CA ILE A 111 25.61 24.49 -3.49
C ILE A 111 24.32 24.12 -4.23
N ALA A 112 23.28 23.71 -3.48
CA ALA A 112 22.01 23.36 -4.11
C ALA A 112 21.42 24.51 -4.90
N GLN A 113 21.63 25.75 -4.45
CA GLN A 113 21.12 26.91 -5.17
C GLN A 113 21.87 27.11 -6.48
N ASP A 114 23.21 27.13 -6.41
CA ASP A 114 24.02 27.36 -7.59
C ASP A 114 23.77 26.34 -8.70
N TYR A 115 23.40 25.11 -8.35
CA TYR A 115 23.30 24.04 -9.35
C TYR A 115 21.89 23.48 -9.47
N ASN A 116 20.90 24.11 -8.84
CA ASN A 116 19.52 23.65 -8.85
C ASN A 116 19.42 22.19 -8.40
N LEU A 117 19.83 21.96 -7.15
CA LEU A 117 19.85 20.63 -6.55
C LEU A 117 18.80 20.54 -5.47
N LYS A 118 18.38 19.32 -5.18
CA LYS A 118 17.57 19.05 -4.00
C LYS A 118 18.43 18.38 -2.93
N LEU A 119 18.11 18.67 -1.67
CA LEU A 119 18.96 18.28 -0.54
C LEU A 119 18.30 17.18 0.28
N VAL A 120 19.07 16.11 0.52
CA VAL A 120 18.65 15.00 1.37
C VAL A 120 19.22 15.22 2.76
N ALA A 121 18.37 15.09 3.80
CA ALA A 121 18.73 15.24 5.21
C ALA A 121 19.88 14.33 5.60
N PRO A 122 20.59 14.62 6.70
CA PRO A 122 21.64 13.70 7.16
C PRO A 122 21.08 12.32 7.48
N ALA A 123 21.77 11.28 6.99
CA ALA A 123 21.32 9.91 7.20
C ALA A 123 21.48 9.52 8.68
N VAL A 124 20.44 8.93 9.26
CA VAL A 124 20.48 8.52 10.66
C VAL A 124 20.07 7.06 10.80
N ASN A 125 20.31 6.52 11.98
CA ASN A 125 19.91 5.19 12.39
C ASN A 125 19.99 5.20 13.90
N TYR A 126 19.41 4.19 14.55
CA TYR A 126 19.75 3.98 15.97
C TYR A 126 21.27 3.98 16.11
N SER A 127 21.77 4.81 17.03
CA SER A 127 23.19 5.04 17.21
C SER A 127 23.65 4.44 18.53
N PRO A 128 24.97 4.31 18.71
CA PRO A 128 25.49 3.97 20.05
C PRO A 128 25.20 5.02 21.12
N GLY A 129 24.73 6.20 20.74
CA GLY A 129 24.32 7.21 21.71
C GLY A 129 25.39 8.16 22.18
N ASN A 130 26.53 8.22 21.48
CA ASN A 130 27.68 9.00 21.92
C ASN A 130 27.74 10.38 21.29
N VAL A 131 26.69 10.84 20.63
CA VAL A 131 26.60 12.21 20.17
C VAL A 131 25.42 12.83 20.93
N ASP A 132 25.71 13.76 21.85
CA ASP A 132 24.68 14.27 22.74
C ASP A 132 23.62 15.02 21.96
N ILE A 133 22.36 14.62 22.13
CA ILE A 133 21.20 15.39 21.72
C ILE A 133 20.77 16.21 22.93
N PRO A 134 20.53 17.52 22.76
CA PRO A 134 20.14 18.34 23.93
C PRO A 134 18.73 18.01 24.37
N GLY A 135 18.53 18.07 25.70
CA GLY A 135 17.23 17.88 26.28
C GLY A 135 16.76 16.45 26.38
N THR A 136 17.61 15.47 26.07
CA THR A 136 17.22 14.07 26.22
C THR A 136 18.41 13.25 26.70
N ASP A 137 18.10 12.14 27.37
CA ASP A 137 19.08 11.11 27.69
C ASP A 137 19.14 10.02 26.64
N ASP A 138 18.12 9.93 25.79
CA ASP A 138 18.02 8.90 24.75
C ASP A 138 18.77 9.38 23.49
N ASP A 139 20.09 9.53 23.65
CA ASP A 139 20.94 10.04 22.58
C ASP A 139 21.05 9.10 21.39
N TYR A 140 20.73 7.82 21.57
CA TYR A 140 20.76 6.82 20.50
C TYR A 140 19.67 7.04 19.44
N ASP A 141 18.71 7.92 19.69
CA ASP A 141 17.41 7.87 19.03
C ASP A 141 17.43 8.63 17.71
N PRO A 142 17.23 7.97 16.56
CA PRO A 142 17.31 8.70 15.28
C PRO A 142 16.21 9.73 15.09
N TRP A 143 15.03 9.51 15.66
CA TRP A 143 13.96 10.50 15.56
C TRP A 143 14.21 11.68 16.47
N LEU A 144 14.73 11.44 17.68
CA LEU A 144 15.09 12.56 18.54
C LEU A 144 16.23 13.37 17.94
N TYR A 145 17.15 12.73 17.21
CA TYR A 145 18.19 13.47 16.49
C TYR A 145 17.59 14.38 15.43
N LEU A 146 16.77 13.82 14.52
CA LEU A 146 16.22 14.62 13.43
C LEU A 146 15.32 15.74 13.93
N ASP A 147 14.50 15.49 14.96
CA ASP A 147 13.74 16.56 15.58
C ASP A 147 14.64 17.72 15.98
N ALA A 148 15.72 17.44 16.72
CA ALA A 148 16.63 18.48 17.19
C ALA A 148 17.33 19.16 16.02
N PHE A 149 17.78 18.37 15.03
CA PHE A 149 18.27 18.93 13.77
C PHE A 149 17.27 19.92 13.18
N PHE A 150 16.02 19.49 12.96
CA PHE A 150 15.05 20.33 12.26
C PHE A 150 14.74 21.58 13.05
N GLU A 151 14.68 21.47 14.39
CA GLU A 151 14.44 22.66 15.20
C GLU A 151 15.60 23.63 15.11
N ALA A 152 16.84 23.11 15.02
CA ALA A 152 17.97 24.00 14.84
C ALA A 152 18.08 24.51 13.42
N CYS A 153 17.43 23.86 12.45
CA CYS A 153 17.59 24.25 11.06
C CYS A 153 16.41 25.06 10.53
N GLU A 154 16.08 26.17 11.19
CA GLU A 154 14.88 26.89 10.82
C GLU A 154 15.08 27.60 9.48
N GLY A 155 14.13 27.41 8.57
CA GLY A 155 14.25 27.94 7.22
C GLY A 155 15.15 27.14 6.30
N CYS A 156 15.65 25.99 6.73
CA CYS A 156 16.61 25.26 5.92
C CYS A 156 15.93 24.47 4.81
N GLN A 157 16.54 24.48 3.63
CA GLN A 157 16.13 23.58 2.57
C GLN A 157 16.52 22.15 2.92
N VAL A 158 15.50 21.32 3.21
CA VAL A 158 15.63 19.88 3.37
C VAL A 158 14.48 19.24 2.61
N ASP A 159 14.78 18.57 1.49
CA ASP A 159 13.75 18.01 0.62
C ASP A 159 13.41 16.56 0.92
N TYR A 160 14.34 15.79 1.50
CA TYR A 160 14.13 14.36 1.69
C TYR A 160 14.67 13.97 3.04
N ILE A 161 14.24 12.80 3.50
CA ILE A 161 14.79 12.14 4.68
C ILE A 161 15.66 10.97 4.19
N ALA A 162 16.81 10.79 4.82
CA ALA A 162 17.65 9.61 4.56
C ALA A 162 17.63 8.69 5.77
N VAL A 163 17.50 7.38 5.52
CA VAL A 163 17.43 6.37 6.57
C VAL A 163 18.47 5.27 6.31
N HIS A 164 19.14 4.83 7.37
CA HIS A 164 19.92 3.59 7.36
C HIS A 164 19.25 2.56 8.26
N CYS A 165 19.33 1.28 7.87
CA CYS A 165 18.71 0.22 8.67
C CYS A 165 19.39 -1.11 8.39
N TYR A 166 19.69 -1.86 9.44
CA TYR A 166 20.31 -3.18 9.29
C TYR A 166 19.56 -4.27 10.05
N LYS A 168 17.12 -7.48 10.57
CA LYS A 168 16.98 -8.66 9.72
C LYS A 168 15.53 -9.06 9.45
N TYR A 169 14.57 -8.44 10.11
CA TYR A 169 13.17 -8.81 9.92
C TYR A 169 12.49 -7.76 9.06
N GLU A 170 11.90 -8.22 7.95
CA GLU A 170 11.25 -7.32 7.03
C GLU A 170 10.11 -6.53 7.68
N SER A 171 9.40 -7.10 8.64
CA SER A 171 8.32 -6.34 9.29
C SER A 171 8.85 -5.31 10.26
N ALA A 172 9.99 -5.59 10.90
CA ALA A 172 10.68 -4.58 11.67
C ALA A 172 11.11 -3.43 10.77
N PHE A 173 11.73 -3.78 9.63
CA PHE A 173 12.19 -2.79 8.66
C PHE A 173 11.06 -1.87 8.19
N SER A 174 9.94 -2.46 7.77
CA SER A 174 8.87 -1.59 7.28
C SER A 174 8.30 -0.73 8.39
N TRP A 175 8.26 -1.25 9.63
CA TRP A 175 7.79 -0.41 10.72
C TRP A 175 8.76 0.73 10.98
N TYR A 176 10.07 0.43 10.94
CA TYR A 176 11.08 1.40 11.33
C TYR A 176 11.23 2.49 10.27
N VAL A 177 11.18 2.12 9.00
CA VAL A 177 11.30 3.12 7.95
C VAL A 177 10.04 3.98 7.90
N GLY A 178 8.88 3.36 8.13
CA GLY A 178 7.62 4.08 8.15
C GLY A 178 7.54 5.14 9.23
N GLU A 179 8.25 4.93 10.35
CA GLU A 179 8.28 5.93 11.41
C GLU A 179 8.79 7.28 10.90
N PHE A 180 9.64 7.28 9.87
CA PHE A 180 10.21 8.47 9.28
C PHE A 180 9.27 9.18 8.32
N GLU A 181 8.11 8.60 8.03
CA GLU A 181 7.15 9.32 7.21
C GLU A 181 6.51 10.48 7.96
N ARG A 182 6.73 10.56 9.27
CA ARG A 182 6.14 11.62 10.10
C ARG A 182 6.58 13.02 9.67
N TYR A 183 7.72 13.15 8.99
CA TYR A 183 8.26 14.46 8.67
C TYR A 183 7.64 15.05 7.42
N ASN A 184 6.83 14.27 6.69
CA ASN A 184 6.10 14.74 5.51
C ASN A 184 7.02 14.99 4.31
N LYS A 185 8.07 14.19 4.16
CA LYS A 185 9.04 14.29 3.08
C LYS A 185 9.32 12.90 2.50
N PRO A 186 9.50 12.77 1.17
CA PRO A 186 9.90 11.47 0.62
C PRO A 186 11.20 11.01 1.24
N ILE A 187 11.33 9.68 1.36
CA ILE A 187 12.38 9.03 2.14
C ILE A 187 13.37 8.35 1.19
N TRP A 188 14.66 8.44 1.53
CA TRP A 188 15.71 7.69 0.84
C TRP A 188 16.27 6.70 1.85
N VAL A 189 16.12 5.41 1.60
CA VAL A 189 16.81 4.39 2.39
C VAL A 189 18.16 4.20 1.69
N THR A 190 19.17 4.95 2.16
CA THR A 190 20.45 5.00 1.47
C THR A 190 21.41 3.92 1.89
N GLU A 191 21.09 3.13 2.92
CA GLU A 191 21.87 1.96 3.31
C GLU A 191 20.93 0.98 3.98
N TRP A 192 20.79 -0.23 3.44
CA TRP A 192 20.16 -1.30 4.21
C TRP A 192 20.61 -2.67 3.74
N ALA A 193 20.48 -3.63 4.65
CA ALA A 193 20.69 -5.05 4.43
C ALA A 193 20.36 -5.75 5.73
N GLY A 194 19.96 -7.02 5.68
CA GLY A 194 19.76 -7.79 6.90
C GLY A 194 21.11 -8.11 7.56
N TRP A 195 21.31 -7.65 8.79
CA TRP A 195 22.63 -7.78 9.41
C TRP A 195 22.58 -7.95 10.94
N ASP A 196 21.76 -7.15 11.64
CA ASP A 196 21.72 -7.21 13.10
C ASP A 196 21.09 -8.51 13.59
N ASP A 197 21.28 -8.78 14.89
CA ASP A 197 20.66 -9.92 15.59
C ASP A 197 20.95 -11.25 14.90
N GLY A 198 22.19 -11.42 14.45
CA GLY A 198 22.59 -12.62 13.76
C GLY A 198 22.48 -12.54 12.25
N GLY A 199 21.59 -11.70 11.73
CA GLY A 199 21.45 -11.52 10.31
C GLY A 199 21.02 -12.78 9.59
N PRO A 200 21.27 -12.84 8.29
CA PRO A 200 20.81 -14.00 7.51
C PRO A 200 21.55 -15.28 7.87
N ALA A 201 20.81 -16.39 7.95
CA ALA A 201 21.43 -17.69 8.20
C ALA A 201 22.19 -18.20 6.98
N ASN A 202 21.85 -17.72 5.79
CA ASN A 202 22.46 -18.18 4.56
C ASN A 202 22.10 -17.16 3.50
N GLY A 204 20.28 -17.42 0.88
CA GLY A 204 18.85 -17.37 0.56
C GLY A 204 18.07 -16.50 1.53
N GLU A 205 18.46 -16.48 2.80
CA GLU A 205 17.75 -15.62 3.74
C GLU A 205 17.92 -14.16 3.38
N GLN A 206 19.14 -13.78 2.95
CA GLN A 206 19.39 -12.40 2.56
C GLN A 206 18.60 -12.03 1.32
N ASN A 208 15.74 -13.43 0.39
CA ASN A 208 14.33 -13.30 0.78
C ASN A 208 14.09 -11.95 1.44
N PHE A 209 14.97 -11.56 2.35
CA PHE A 209 14.86 -10.28 3.02
C PHE A 209 14.98 -9.12 2.04
N LEU A 210 15.93 -9.21 1.10
CA LEU A 210 16.01 -8.16 0.07
C LEU A 210 14.70 -8.08 -0.71
N SER A 211 14.12 -9.24 -1.06
CA SER A 211 12.90 -9.23 -1.86
C SER A 211 11.72 -8.65 -1.07
N ASP A 212 11.55 -9.07 0.18
CA ASP A 212 10.45 -8.57 1.02
C ASP A 212 10.52 -7.06 1.14
N THR A 213 11.71 -6.52 1.43
CA THR A 213 11.82 -5.10 1.69
C THR A 213 11.84 -4.27 0.41
N VAL A 214 12.43 -4.78 -0.67
CA VAL A 214 12.33 -4.09 -1.96
C VAL A 214 10.87 -4.00 -2.38
N ARG A 215 10.09 -5.07 -2.19
CA ARG A 215 8.69 -5.06 -2.64
C ARG A 215 7.84 -4.10 -1.82
N TRP A 216 8.09 -4.07 -0.51
CA TRP A 216 7.42 -3.10 0.35
C TRP A 216 7.75 -1.69 -0.06
N GLU A 218 8.80 -0.57 -3.03
CA GLU A 218 8.23 -0.22 -4.33
C GLU A 218 6.77 0.15 -4.19
N SER A 219 6.10 -0.39 -3.16
CA SER A 219 4.68 -0.17 -2.94
C SER A 219 4.40 0.95 -1.96
N ASN A 220 5.41 1.50 -1.32
CA ASN A 220 5.24 2.64 -0.44
C ASN A 220 5.49 3.92 -1.24
N ASP A 221 4.44 4.74 -1.41
CA ASP A 221 4.62 5.97 -2.18
C ASP A 221 5.54 6.96 -1.50
N ASN A 222 5.75 6.82 -0.18
CA ASN A 222 6.57 7.77 0.54
C ASN A 222 8.05 7.45 0.44
N ILE A 223 8.41 6.31 -0.14
CA ILE A 223 9.80 6.00 -0.40
C ILE A 223 10.12 6.56 -1.79
N TYR A 224 11.00 7.55 -1.81
CA TYR A 224 11.48 8.11 -3.06
C TYR A 224 12.57 7.22 -3.69
N ARG A 225 13.51 6.71 -2.89
CA ARG A 225 14.66 5.96 -3.41
C ARG A 225 15.23 5.04 -2.34
N TYR A 226 15.89 3.99 -2.79
CA TYR A 226 16.60 3.06 -1.92
C TYR A 226 17.84 2.54 -2.64
N SER A 227 18.86 2.24 -1.86
CA SER A 227 20.09 1.66 -2.40
C SER A 227 20.65 0.64 -1.43
N TRP A 228 20.70 -0.62 -1.87
CA TRP A 228 21.25 -1.72 -1.09
C TRP A 228 22.69 -1.44 -0.66
N PHE A 229 23.05 -1.97 0.50
CA PHE A 229 24.43 -1.94 0.98
C PHE A 229 25.00 -3.33 0.74
N LEU A 230 25.91 -3.46 -0.23
CA LEU A 230 26.55 -2.49 -1.10
C LEU A 230 26.99 -3.27 -2.36
N GLY A 231 27.57 -2.58 -3.34
CA GLY A 231 27.82 -3.21 -4.63
C GLY A 231 28.71 -4.43 -4.50
N ARG A 232 29.85 -4.27 -3.82
CA ARG A 232 30.76 -5.35 -3.55
C ARG A 232 31.34 -5.15 -2.16
N SER A 233 31.58 -6.26 -1.46
CA SER A 233 32.08 -6.23 -0.09
C SER A 233 33.53 -6.70 -0.06
N SER A 234 34.19 -6.40 1.06
CA SER A 234 35.56 -6.86 1.26
C SER A 234 35.61 -8.37 1.45
N GLU A 235 34.60 -8.93 2.12
CA GLU A 235 34.62 -10.35 2.47
C GLU A 235 34.21 -11.25 1.31
N GLY A 236 33.36 -10.78 0.41
CA GLY A 236 32.91 -11.57 -0.74
C GLY A 236 31.46 -12.02 -0.59
N TYR A 237 30.86 -12.36 -1.74
CA TYR A 237 29.40 -12.50 -1.76
C TYR A 237 28.91 -13.76 -1.07
N ASP A 238 29.75 -14.78 -0.91
CA ASP A 238 29.32 -16.00 -0.25
C ASP A 238 29.80 -16.08 1.19
N GLN A 239 30.32 -14.97 1.72
CA GLN A 239 30.62 -14.82 3.14
C GLN A 239 29.53 -13.98 3.81
N PHE A 240 29.25 -14.30 5.08
CA PHE A 240 28.25 -13.56 5.85
C PHE A 240 28.60 -12.07 5.85
N PRO A 241 27.62 -11.18 5.61
CA PRO A 241 26.19 -11.46 5.43
C PRO A 241 25.70 -11.41 3.99
N TYR A 242 26.53 -11.79 3.01
CA TYR A 242 26.11 -12.01 1.62
C TYR A 242 25.62 -10.72 0.98
N LEU A 243 26.42 -9.67 1.11
CA LEU A 243 25.96 -8.35 0.70
C LEU A 243 26.01 -8.13 -0.81
N ASP A 244 27.01 -8.69 -1.49
CA ASP A 244 27.39 -8.21 -2.82
C ASP A 244 26.26 -8.33 -3.84
N VAL A 245 26.07 -7.25 -4.60
CA VAL A 245 25.18 -7.23 -5.75
C VAL A 245 25.93 -7.60 -7.04
N LEU A 246 27.20 -7.22 -7.14
CA LEU A 246 28.01 -7.46 -8.33
C LEU A 246 29.08 -8.51 -8.02
N LEU A 247 29.34 -9.40 -8.99
CA LEU A 247 30.37 -10.42 -8.83
C LEU A 247 31.61 -10.02 -9.63
N ALA A 248 31.96 -10.79 -10.66
CA ALA A 248 33.07 -10.40 -11.51
C ALA A 248 32.66 -9.19 -12.35
N ASP A 249 33.63 -8.60 -13.06
CA ASP A 249 33.37 -7.38 -13.82
C ASP A 249 32.14 -7.57 -14.71
N GLY A 250 31.18 -6.66 -14.56
CA GLY A 250 30.04 -6.69 -15.46
C GLY A 250 29.07 -7.84 -15.25
N GLU A 251 29.07 -8.45 -14.07
CA GLU A 251 28.20 -9.58 -13.80
C GLU A 251 27.66 -9.47 -12.38
N LEU A 252 26.48 -10.04 -12.16
CA LEU A 252 25.75 -9.97 -10.90
C LEU A 252 25.91 -11.27 -10.10
N THR A 253 25.84 -11.14 -8.78
CA THR A 253 25.66 -12.25 -7.87
C THR A 253 24.22 -12.75 -7.96
N PRO A 254 23.93 -13.94 -7.42
CA PRO A 254 22.51 -14.34 -7.32
C PRO A 254 21.64 -13.28 -6.69
N LEU A 255 22.04 -12.74 -5.53
CA LEU A 255 21.31 -11.63 -4.90
C LEU A 255 21.18 -10.45 -5.86
N GLY A 256 22.26 -10.11 -6.56
CA GLY A 256 22.18 -9.01 -7.49
C GLY A 256 21.20 -9.25 -8.62
N SER A 257 21.00 -10.52 -9.00
CA SER A 257 19.97 -10.82 -9.98
C SER A 257 18.57 -10.55 -9.41
N VAL A 258 18.32 -10.93 -8.17
CA VAL A 258 17.03 -10.65 -7.53
C VAL A 258 16.82 -9.15 -7.37
N TYR A 259 17.86 -8.44 -6.90
CA TYR A 259 17.79 -7.01 -6.69
C TYR A 259 17.39 -6.28 -7.97
N THR A 260 18.07 -6.58 -9.08
CA THR A 260 17.84 -5.85 -10.31
C THR A 260 16.60 -6.33 -11.07
N SER A 261 16.09 -7.53 -10.76
CA SER A 261 14.97 -8.07 -11.52
C SER A 261 13.61 -7.64 -10.99
N ILE A 262 13.48 -7.38 -9.69
CA ILE A 262 12.16 -7.10 -9.11
C ILE A 262 11.57 -5.83 -9.72
N PRO A 263 10.33 -5.86 -10.21
CA PRO A 263 9.76 -4.70 -10.91
C PRO A 263 9.04 -3.74 -9.98
N SER A 264 8.95 -2.50 -10.44
CA SER A 264 8.12 -1.52 -9.75
C SER A 264 6.63 -1.88 -9.93
N ASN A 265 5.78 -1.16 -9.21
CA ASN A 265 4.34 -1.39 -9.30
C ASN A 265 3.84 -1.25 -10.73
N ASP A 266 4.24 -0.17 -11.41
CA ASP A 266 3.71 0.13 -12.74
C ASP A 266 4.48 -0.48 -13.90
N PHE A 267 5.74 -0.91 -13.70
CA PHE A 267 6.46 -1.57 -14.77
C PHE A 267 5.64 -2.73 -15.32
N ARG A 268 5.66 -2.90 -16.63
CA ARG A 268 5.05 -4.06 -17.27
C ARG A 268 6.02 -4.69 -18.24
N TYR A 269 6.09 -6.03 -18.24
CA TYR A 269 6.95 -6.76 -19.15
C TYR A 269 6.36 -6.76 -20.55
N LYS A 270 7.17 -6.40 -21.54
CA LYS A 270 6.81 -6.61 -22.93
C LYS A 270 7.24 -8.01 -23.36
N ILE A 271 6.50 -8.56 -24.32
CA ILE A 271 6.82 -9.89 -24.88
C ILE A 271 6.94 -9.75 -26.40
N PRO A 272 7.60 -10.73 -27.08
CA PRO A 272 8.29 -11.93 -26.58
C PRO A 272 9.44 -11.54 -25.67
N ALA A 273 9.78 -12.35 -24.67
CA ALA A 273 10.89 -12.05 -23.79
C ALA A 273 11.15 -13.23 -22.89
N ARG A 274 12.40 -13.33 -22.44
CA ARG A 274 12.72 -14.13 -21.28
C ARG A 274 12.66 -13.22 -20.06
N ILE A 275 12.06 -13.73 -18.99
CA ILE A 275 11.87 -12.98 -17.75
C ILE A 275 12.41 -13.82 -16.61
N GLU A 276 13.31 -13.26 -15.83
CA GLU A 276 13.83 -14.02 -14.70
C GLU A 276 12.69 -14.32 -13.72
N ALA A 277 12.67 -15.55 -13.19
CA ALA A 277 11.66 -15.94 -12.21
C ALA A 277 11.61 -14.99 -11.03
N GLU A 278 12.79 -14.54 -10.56
CA GLU A 278 12.89 -13.57 -9.47
C GLU A 278 12.42 -12.19 -9.86
N GLY A 279 11.82 -12.05 -11.03
CA GLY A 279 11.26 -10.78 -11.44
C GLY A 279 9.75 -10.74 -11.38
N ALA A 280 9.16 -11.60 -10.55
CA ALA A 280 7.71 -11.59 -10.40
C ALA A 280 7.25 -10.27 -9.81
N HIS A 281 6.12 -9.77 -10.31
CA HIS A 281 5.50 -8.62 -9.67
C HIS A 281 4.98 -8.95 -8.27
N SER A 282 4.78 -10.24 -7.98
CA SER A 282 4.08 -10.64 -6.77
C SER A 282 4.43 -12.08 -6.44
N LEU A 283 4.80 -12.34 -5.17
CA LEU A 283 5.22 -13.68 -4.74
C LEU A 283 4.44 -14.08 -3.48
N THR A 284 3.73 -15.20 -3.56
CA THR A 284 3.16 -15.90 -2.42
C THR A 284 4.00 -17.16 -2.19
N GLY A 285 4.69 -17.21 -1.05
CA GLY A 285 5.38 -18.43 -0.64
C GLY A 285 6.75 -18.71 -1.25
N PHE A 286 6.93 -18.32 -2.51
CA PHE A 286 8.18 -18.59 -3.20
C PHE A 286 9.37 -18.02 -2.43
N LYS A 287 10.47 -18.79 -2.40
CA LYS A 287 11.73 -18.41 -1.75
C LYS A 287 12.87 -18.46 -2.75
N HIS A 288 13.99 -17.81 -2.40
CA HIS A 288 15.11 -17.58 -3.30
C HIS A 288 16.31 -18.42 -2.89
N LEU A 289 17.04 -18.91 -3.90
CA LEU A 289 18.32 -19.62 -3.72
C LEU A 289 19.22 -19.32 -4.91
N ALA A 290 20.53 -19.50 -4.70
CA ALA A 290 21.45 -19.54 -5.84
C ALA A 290 21.14 -20.75 -6.70
N THR A 291 21.42 -20.63 -7.97
CA THR A 291 21.35 -21.79 -8.85
C THR A 291 22.68 -21.92 -9.55
N THR A 292 23.02 -23.15 -9.93
CA THR A 292 24.19 -23.44 -10.75
C THR A 292 23.83 -23.69 -12.21
N ASP A 293 22.59 -23.42 -12.60
CA ASP A 293 22.23 -23.46 -14.02
C ASP A 293 23.16 -22.56 -14.82
N THR A 294 23.29 -22.82 -16.12
CA THR A 294 24.27 -22.06 -16.89
C THR A 294 23.86 -20.60 -17.03
N THR A 295 22.58 -20.26 -16.89
CA THR A 295 22.16 -18.87 -16.86
C THR A 295 21.12 -18.67 -15.78
N GLY A 296 20.93 -17.42 -15.39
CA GLY A 296 19.82 -17.03 -14.54
C GLY A 296 20.19 -16.63 -13.12
N LEU A 297 21.37 -17.07 -12.64
CA LEU A 297 21.92 -16.67 -11.35
C LEU A 297 21.09 -17.06 -10.12
N ALA A 298 19.78 -16.81 -10.12
CA ALA A 298 18.94 -17.11 -8.96
C ALA A 298 17.70 -17.88 -9.38
N LYS A 299 17.18 -18.70 -8.46
CA LYS A 299 15.96 -19.44 -8.71
C LYS A 299 14.93 -19.14 -7.62
N LEU A 300 13.67 -19.33 -7.98
CA LEU A 300 12.61 -19.45 -6.98
C LEU A 300 12.42 -20.93 -6.66
N ILE A 301 12.03 -21.23 -5.42
CA ILE A 301 11.93 -22.60 -4.95
C ILE A 301 10.52 -22.86 -4.42
N ALA A 302 9.90 -23.95 -4.88
CA ALA A 302 8.55 -24.30 -4.45
C ALA A 302 8.60 -25.61 -3.68
N ALA A 303 7.93 -25.64 -2.53
CA ALA A 303 7.73 -26.87 -1.78
C ALA A 303 6.27 -27.30 -1.75
N SER A 304 5.34 -26.43 -2.18
CA SER A 304 3.93 -26.65 -1.90
C SER A 304 3.04 -26.04 -2.98
N ASN A 305 2.33 -24.96 -2.65
CA ASN A 305 1.39 -24.34 -3.57
C ASN A 305 1.70 -22.87 -3.79
N GLU A 306 2.98 -22.54 -3.89
CA GLU A 306 3.41 -21.16 -4.04
C GLU A 306 2.95 -20.58 -5.38
N VAL A 307 2.77 -19.26 -5.41
CA VAL A 307 2.27 -18.55 -6.59
C VAL A 307 3.26 -17.44 -6.97
N ALA A 308 3.48 -17.28 -8.27
CA ALA A 308 4.25 -16.17 -8.81
C ALA A 308 3.45 -15.52 -9.92
N GLU A 309 3.34 -14.19 -9.89
CA GLU A 309 2.57 -13.43 -10.86
C GLU A 309 3.47 -12.44 -11.59
N TYR A 310 3.24 -12.30 -12.91
CA TYR A 310 4.04 -11.48 -13.81
C TYR A 310 3.09 -10.60 -14.60
N LYS A 311 3.24 -9.29 -14.46
CA LYS A 311 2.33 -8.35 -15.10
C LYS A 311 2.87 -7.97 -16.48
N LEU A 312 2.08 -8.28 -17.51
CA LEU A 312 2.49 -8.18 -18.90
C LEU A 312 1.78 -7.05 -19.62
N ASN A 313 2.53 -6.31 -20.44
CA ASN A 313 2.01 -5.35 -21.42
C ASN A 313 2.14 -5.99 -22.80
N VAL A 314 1.08 -6.66 -23.25
CA VAL A 314 1.10 -7.39 -24.51
C VAL A 314 0.77 -6.42 -25.64
N GLU A 315 1.77 -6.10 -26.46
CA GLU A 315 1.62 -5.14 -27.53
C GLU A 315 1.06 -5.77 -28.80
N GLU A 316 1.37 -7.04 -29.04
CA GLU A 316 0.91 -7.75 -30.23
C GLU A 316 0.16 -9.00 -29.78
N GLY A 317 -1.17 -8.90 -29.73
CA GLY A 317 -1.96 -10.04 -29.32
C GLY A 317 -1.78 -11.23 -30.25
N GLY A 318 -1.82 -12.42 -29.66
CA GLY A 318 -1.76 -13.63 -30.44
C GLY A 318 -1.47 -14.82 -29.54
N ASP A 319 -1.05 -15.92 -30.16
CA ASP A 319 -0.70 -17.12 -29.42
C ASP A 319 0.79 -17.09 -29.13
N TYR A 320 1.14 -17.26 -27.86
CA TYR A 320 2.53 -17.36 -27.46
C TYR A 320 2.75 -18.73 -26.81
N THR A 321 3.93 -19.30 -27.03
CA THR A 321 4.35 -20.47 -26.28
C THR A 321 5.06 -20.01 -25.01
N LEU A 322 4.71 -20.63 -23.88
CA LEU A 322 5.36 -20.34 -22.60
C LEU A 322 6.38 -21.43 -22.27
N ALA A 323 7.59 -21.02 -21.94
CA ALA A 323 8.63 -21.97 -21.55
C ALA A 323 9.07 -21.70 -20.12
N LEU A 324 9.24 -22.78 -19.35
CA LEU A 324 9.71 -22.67 -17.98
C LEU A 324 11.01 -23.44 -17.85
N ARG A 325 11.95 -22.84 -17.15
CA ARG A 325 13.25 -23.45 -16.86
C ARG A 325 13.19 -23.98 -15.43
N LEU A 326 13.04 -25.30 -15.30
CA LEU A 326 12.71 -25.93 -14.04
C LEU A 326 13.73 -27.01 -13.66
N ALA A 327 13.78 -27.29 -12.36
CA ALA A 327 14.49 -28.42 -11.79
C ALA A 327 13.55 -29.08 -10.79
N SER A 328 13.50 -30.41 -10.79
CA SER A 328 12.54 -31.13 -9.94
C SER A 328 13.02 -32.56 -9.76
N SER A 329 13.33 -32.94 -8.51
CA SER A 329 13.76 -34.32 -8.23
C SER A 329 12.69 -35.33 -8.60
N ALA A 330 11.42 -35.04 -8.29
CA ALA A 330 10.30 -35.94 -8.53
C ALA A 330 9.25 -35.26 -9.41
N ASN A 331 8.12 -35.94 -9.58
CA ASN A 331 7.02 -35.39 -10.35
C ASN A 331 6.48 -34.10 -9.73
N SER A 332 6.39 -33.05 -10.54
CA SER A 332 5.86 -31.75 -10.11
C SER A 332 4.87 -31.24 -11.15
N ASP A 333 3.81 -30.59 -10.67
CA ASP A 333 2.75 -30.04 -11.51
C ASP A 333 2.67 -28.53 -11.32
N ILE A 334 2.52 -27.78 -12.41
CA ILE A 334 2.52 -26.32 -12.35
C ILE A 334 1.38 -25.79 -13.19
N ALA A 335 0.46 -25.06 -12.56
CA ALA A 335 -0.66 -24.44 -13.26
C ALA A 335 -0.30 -23.05 -13.76
N ILE A 336 -0.67 -22.78 -15.00
CA ILE A 336 -0.50 -21.47 -15.64
C ILE A 336 -1.87 -20.82 -15.78
N ARG A 337 -1.97 -19.55 -15.42
CA ARG A 337 -3.20 -18.80 -15.55
C ARG A 337 -2.92 -17.46 -16.20
N VAL A 338 -3.94 -16.91 -16.86
CA VAL A 338 -3.92 -15.56 -17.39
C VAL A 338 -5.13 -14.81 -16.84
N ASP A 339 -4.88 -13.75 -16.07
CA ASP A 339 -5.94 -13.00 -15.40
C ASP A 339 -6.86 -13.94 -14.62
N GLY A 340 -6.25 -14.89 -13.93
CA GLY A 340 -6.95 -15.75 -13.00
C GLY A 340 -7.55 -17.02 -13.56
N LEU A 341 -7.49 -17.25 -14.87
CA LEU A 341 -8.11 -18.42 -15.49
C LEU A 341 -7.05 -19.37 -16.07
N LEU A 342 -7.20 -20.65 -15.77
CA LEU A 342 -6.28 -21.69 -16.21
C LEU A 342 -6.20 -21.75 -17.73
N VAL A 343 -4.97 -21.85 -18.27
CA VAL A 343 -4.75 -21.95 -19.70
C VAL A 343 -3.85 -23.13 -20.05
N TYR A 344 -2.96 -23.52 -19.13
CA TYR A 344 -2.10 -24.66 -19.36
C TYR A 344 -1.62 -25.18 -18.03
N THR A 345 -1.36 -26.49 -17.97
CA THR A 345 -0.82 -27.11 -16.77
C THR A 345 0.37 -28.00 -17.18
N PHE A 346 1.54 -27.67 -16.64
CA PHE A 346 2.72 -28.52 -16.81
C PHE A 346 2.57 -29.73 -15.89
N GLU A 347 2.60 -30.93 -16.47
CA GLU A 347 2.25 -32.15 -15.74
C GLU A 347 3.41 -33.12 -15.69
N ASP A 348 3.63 -33.69 -14.51
CA ASP A 348 4.70 -34.63 -14.25
C ASP A 348 6.04 -34.11 -14.78
N ILE A 349 6.40 -32.92 -14.32
CA ILE A 349 7.72 -32.37 -14.61
C ILE A 349 8.74 -33.06 -13.72
N ASN A 350 9.83 -33.53 -14.31
CA ASN A 350 10.80 -34.33 -13.58
C ASN A 350 12.12 -34.25 -14.31
N THR A 351 13.14 -33.68 -13.68
CA THR A 351 14.47 -33.59 -14.26
C THR A 351 15.48 -34.48 -13.56
N GLY A 352 15.07 -35.18 -12.50
CA GLY A 352 15.95 -36.09 -11.78
C GLY A 352 16.82 -35.45 -10.72
N GLY A 353 16.79 -34.14 -10.55
CA GLY A 353 17.62 -33.52 -9.54
C GLY A 353 17.27 -32.07 -9.35
N VAL A 354 17.60 -31.56 -8.16
CA VAL A 354 17.25 -30.19 -7.79
C VAL A 354 18.11 -29.17 -8.52
N GLU A 355 19.23 -29.60 -9.12
CA GLU A 355 20.01 -28.72 -9.98
C GLU A 355 20.21 -29.33 -11.35
N ALA A 356 19.34 -30.27 -11.73
CA ALA A 356 19.22 -30.75 -13.10
C ALA A 356 18.15 -29.92 -13.81
N TRP A 357 18.58 -29.09 -14.75
CA TRP A 357 17.74 -28.07 -15.36
C TRP A 357 17.34 -28.47 -16.77
N THR A 359 14.29 -27.06 -20.06
CA THR A 359 13.30 -26.08 -20.52
C THR A 359 12.08 -26.82 -21.03
N PHE A 360 10.96 -26.66 -20.33
CA PHE A 360 9.70 -27.30 -20.72
C PHE A 360 8.78 -26.26 -21.35
N SER A 361 8.24 -26.58 -22.52
CA SER A 361 7.39 -25.69 -23.29
C SER A 361 5.93 -26.13 -23.20
N SER A 362 5.03 -25.16 -23.34
CA SER A 362 3.60 -25.40 -23.33
C SER A 362 3.07 -25.47 -24.76
N THR A 363 1.82 -25.92 -24.89
CA THR A 363 1.08 -25.66 -26.10
C THR A 363 0.76 -24.17 -26.16
N PRO A 364 0.46 -23.63 -27.35
CA PRO A 364 0.25 -22.18 -27.48
C PRO A 364 -0.86 -21.64 -26.58
N ILE A 365 -0.65 -20.43 -26.07
CA ILE A 365 -1.59 -19.73 -25.21
C ILE A 365 -1.98 -18.41 -25.86
N SER A 366 -3.29 -18.18 -26.00
CA SER A 366 -3.78 -16.94 -26.58
C SER A 366 -3.68 -15.79 -25.58
N LEU A 367 -3.03 -14.71 -26.00
CA LEU A 367 -2.73 -13.55 -25.16
C LEU A 367 -3.12 -12.31 -25.96
N THR A 368 -4.32 -11.77 -25.70
CA THR A 368 -4.77 -10.61 -26.45
C THR A 368 -3.93 -9.38 -26.11
N ALA A 369 -4.03 -8.37 -26.97
CA ALA A 369 -3.35 -7.11 -26.72
C ALA A 369 -3.88 -6.45 -25.46
N GLY A 370 -2.97 -5.96 -24.62
CA GLY A 370 -3.40 -5.29 -23.40
C GLY A 370 -2.61 -5.63 -22.15
N ASP A 371 -3.28 -5.61 -21.00
CA ASP A 371 -2.66 -5.78 -19.69
C ASP A 371 -3.08 -7.13 -19.11
N HIS A 372 -2.12 -7.95 -18.71
CA HIS A 372 -2.46 -9.30 -18.28
C HIS A 372 -1.64 -9.70 -17.08
N ILE A 373 -2.23 -10.53 -16.23
CA ILE A 373 -1.51 -11.15 -15.12
C ILE A 373 -1.26 -12.60 -15.50
N LEU A 374 0.01 -12.94 -15.68
CA LEU A 374 0.48 -14.31 -15.86
C LEU A 374 0.83 -14.91 -14.50
N ARG A 375 0.21 -16.02 -14.17
CA ARG A 375 0.33 -16.62 -12.85
C ARG A 375 0.89 -18.03 -12.98
N VAL A 376 1.94 -18.32 -12.22
CA VAL A 376 2.60 -19.62 -12.21
C VAL A 376 2.38 -20.22 -10.81
N GLU A 377 1.59 -21.28 -10.72
CA GLU A 377 1.23 -21.89 -9.44
C GLU A 377 1.82 -23.28 -9.32
N SER A 378 2.60 -23.52 -8.28
CA SER A 378 2.92 -24.89 -7.90
C SER A 378 1.66 -25.61 -7.43
N LYS A 379 1.52 -26.87 -7.87
CA LYS A 379 0.40 -27.74 -7.49
C LYS A 379 0.95 -28.83 -6.58
N SER A 380 1.14 -28.51 -5.31
CA SER A 380 1.67 -29.44 -4.31
C SER A 380 2.91 -30.16 -4.84
N SER A 381 3.89 -29.35 -5.22
CA SER A 381 5.05 -29.83 -5.91
C SER A 381 6.28 -29.17 -5.31
N ARG A 382 7.43 -29.83 -5.54
CA ARG A 382 8.71 -29.47 -4.95
C ARG A 382 9.71 -29.36 -6.10
N PHE A 383 10.07 -28.12 -6.48
CA PHE A 383 10.83 -27.87 -7.69
C PHE A 383 11.50 -26.51 -7.63
N GLY A 384 12.39 -26.27 -8.59
CA GLY A 384 13.07 -24.99 -8.72
C GLY A 384 12.78 -24.36 -10.06
N PHE A 385 12.77 -23.02 -10.08
CA PHE A 385 12.20 -22.23 -11.16
C PHE A 385 13.16 -21.07 -11.43
N ASN A 386 13.84 -21.12 -12.57
CA ASN A 386 14.93 -20.20 -12.87
C ASN A 386 14.49 -18.97 -13.67
N TRP A 387 13.68 -19.18 -14.70
CA TRP A 387 13.19 -18.12 -15.57
C TRP A 387 12.09 -18.70 -16.44
N LEU A 388 11.31 -17.81 -17.04
CA LEU A 388 10.31 -18.18 -18.02
C LEU A 388 10.55 -17.44 -19.33
N GLU A 389 9.97 -17.96 -20.40
CA GLU A 389 10.15 -17.33 -21.71
C GLU A 389 8.85 -17.42 -22.49
N LEU A 390 8.46 -16.31 -23.09
CA LEU A 390 7.32 -16.24 -23.99
C LEU A 390 7.82 -15.83 -25.36
N THR A 391 7.45 -16.62 -26.38
CA THR A 391 7.90 -16.43 -27.75
C THR A 391 6.70 -16.61 -28.66
N ASN A 392 6.70 -15.92 -29.80
CA ASN A 392 5.61 -16.04 -30.77
C ASN A 392 6.14 -16.33 -32.16
N ALA B 3 -18.00 23.32 3.53
CA ALA B 3 -17.48 22.44 2.48
C ALA B 3 -16.07 21.92 2.80
N GLN B 4 -15.97 20.59 2.89
CA GLN B 4 -14.76 19.83 2.61
C GLN B 4 -14.90 19.18 1.24
N ASP B 5 -13.79 18.65 0.72
CA ASP B 5 -13.92 17.81 -0.47
C ASP B 5 -14.57 16.49 -0.08
N ARG B 7 -15.14 12.95 1.11
CA ARG B 7 -14.31 12.29 2.12
C ARG B 7 -13.72 11.00 1.58
N SER B 8 -14.47 10.27 0.77
CA SER B 8 -13.97 9.07 0.11
C SER B 8 -14.76 8.89 -1.17
N GLU B 9 -14.08 8.52 -2.26
CA GLU B 9 -14.76 8.18 -3.50
C GLU B 9 -15.18 6.72 -3.54
N LYS B 10 -14.60 5.88 -2.67
CA LYS B 10 -14.90 4.46 -2.64
C LYS B 10 -16.05 4.11 -1.72
N ARG B 11 -16.32 4.92 -0.70
CA ARG B 11 -17.24 4.53 0.36
C ARG B 11 -18.69 4.55 -0.10
N GLY B 12 -19.38 3.42 0.09
CA GLY B 12 -20.80 3.28 -0.18
C GLY B 12 -21.55 2.72 1.00
N LEU B 13 -22.77 2.25 0.78
CA LEU B 13 -23.58 1.68 1.86
C LEU B 13 -24.59 0.74 1.25
N ALA B 14 -24.89 -0.33 1.96
CA ALA B 14 -25.92 -1.27 1.58
C ALA B 14 -27.13 -1.00 2.47
N TYR B 15 -28.19 -0.44 1.87
CA TYR B 15 -29.37 0.01 2.62
C TYR B 15 -30.44 0.47 1.64
N GLY B 16 -31.69 0.08 1.90
CA GLY B 16 -32.75 0.33 0.94
C GLY B 16 -33.90 1.21 1.40
N TYR B 17 -33.75 1.88 2.55
CA TYR B 17 -34.83 2.60 3.22
C TYR B 17 -34.37 3.98 3.68
N HIS B 18 -33.50 4.63 2.91
CA HIS B 18 -33.04 5.98 3.22
C HIS B 18 -34.18 6.99 3.11
N SER B 19 -34.24 7.91 4.06
CA SER B 19 -34.93 9.18 3.90
C SER B 19 -33.95 10.19 3.31
N GLU B 20 -34.49 11.30 2.79
CA GLU B 20 -33.60 12.36 2.35
C GLU B 20 -32.72 12.84 3.49
N ASN B 21 -33.25 12.85 4.71
CA ASN B 21 -32.47 13.26 5.87
C ASN B 21 -31.29 12.34 6.10
N ASP B 22 -31.47 11.02 5.92
CA ASP B 22 -30.35 10.09 6.00
C ASP B 22 -29.25 10.47 5.01
N LEU B 23 -29.62 10.57 3.72
CA LEU B 23 -28.63 10.91 2.70
C LEU B 23 -27.91 12.20 3.03
N LYS B 24 -28.64 13.18 3.57
CA LYS B 24 -28.00 14.45 3.92
C LYS B 24 -27.07 14.27 5.12
N ALA B 25 -27.37 13.30 5.98
CA ALA B 25 -26.53 13.09 7.15
C ALA B 25 -25.15 12.58 6.75
N GLN B 27 -23.92 13.12 3.47
CA GLN B 27 -23.59 13.79 2.21
C GLN B 27 -22.12 14.26 2.20
N GLY B 28 -21.43 14.00 1.08
CA GLY B 28 -20.03 14.33 0.99
C GLY B 28 -19.10 13.39 1.73
N LYS B 29 -19.63 12.39 2.44
CA LYS B 29 -18.81 11.37 3.11
C LYS B 29 -19.10 9.96 2.60
N VAL B 30 -20.19 9.76 1.87
CA VAL B 30 -20.52 8.49 1.23
C VAL B 30 -20.80 8.81 -0.23
N LYS B 31 -20.20 8.03 -1.14
CA LYS B 31 -20.27 8.37 -2.55
C LYS B 31 -21.49 7.78 -3.24
N TRP B 32 -21.91 6.59 -2.85
CA TRP B 32 -22.82 5.77 -3.64
C TRP B 32 -23.54 4.82 -2.68
N TRP B 33 -24.59 4.19 -3.17
CA TRP B 33 -25.23 3.14 -2.38
C TRP B 33 -25.98 2.20 -3.32
N TYR B 34 -26.26 1.01 -2.80
CA TYR B 34 -27.17 0.08 -3.47
C TYR B 34 -28.14 -0.48 -2.44
N ASN B 35 -29.17 -1.18 -2.93
CA ASN B 35 -30.21 -1.72 -2.07
C ASN B 35 -30.63 -3.11 -2.51
N TRP B 36 -29.80 -3.78 -3.32
CA TRP B 36 -30.12 -5.10 -3.88
C TRP B 36 -31.30 -5.03 -4.85
N ASP B 37 -31.85 -3.84 -5.10
CA ASP B 37 -33.03 -3.73 -5.95
C ASP B 37 -32.72 -2.96 -7.23
N THR B 38 -33.76 -2.68 -8.03
CA THR B 38 -33.63 -2.14 -9.38
C THR B 38 -33.90 -0.64 -9.46
N GLN B 39 -34.06 0.02 -8.33
CA GLN B 39 -34.37 1.44 -8.31
C GLN B 39 -33.97 2.00 -6.96
N ALA B 40 -33.69 3.30 -6.94
CA ALA B 40 -33.34 3.95 -5.70
C ALA B 40 -34.48 3.83 -4.68
N ASP B 41 -34.12 3.94 -3.40
CA ASP B 41 -35.09 3.96 -2.32
C ASP B 41 -36.19 4.97 -2.64
N ALA B 42 -37.46 4.56 -2.45
CA ALA B 42 -38.58 5.36 -2.95
C ALA B 42 -38.50 6.80 -2.46
N ASN B 43 -38.13 7.00 -1.20
CA ASN B 43 -38.21 8.31 -0.55
C ASN B 43 -37.01 9.20 -0.85
N VAL B 44 -36.03 8.69 -1.58
CA VAL B 44 -34.93 9.50 -2.08
C VAL B 44 -34.83 9.41 -3.60
N LYS B 45 -35.72 8.67 -4.26
CA LYS B 45 -35.53 8.36 -5.67
C LYS B 45 -35.47 9.62 -6.53
N GLU B 46 -36.01 10.73 -6.04
CA GLU B 46 -36.11 11.95 -6.81
C GLU B 46 -34.93 12.88 -6.58
N ASN B 47 -34.43 12.98 -5.35
CA ASN B 47 -33.43 13.98 -5.04
C ASN B 47 -32.06 13.41 -4.71
N TYR B 48 -31.86 12.08 -4.76
CA TYR B 48 -30.63 11.48 -4.25
C TYR B 48 -29.40 12.02 -4.99
N ALA B 49 -29.53 12.32 -6.28
CA ALA B 49 -28.36 12.71 -7.04
C ALA B 49 -27.90 14.11 -6.66
N SER B 50 -28.83 14.98 -6.29
CA SER B 50 -28.50 16.35 -5.91
C SER B 50 -27.64 16.39 -4.65
N TYR B 51 -27.66 15.34 -3.84
CA TYR B 51 -26.78 15.27 -2.69
C TYR B 51 -25.42 14.66 -3.04
N GLY B 52 -25.16 14.39 -4.31
CA GLY B 52 -23.88 13.91 -4.78
C GLY B 52 -23.72 12.40 -4.84
N TYR B 53 -24.80 11.66 -4.76
CA TYR B 53 -24.75 10.21 -4.79
C TYR B 53 -25.02 9.70 -6.20
N ASP B 54 -24.50 8.51 -6.48
CA ASP B 54 -25.03 7.70 -7.56
C ASP B 54 -25.51 6.38 -6.96
N PHE B 55 -26.58 5.85 -7.54
CA PHE B 55 -27.20 4.63 -7.08
C PHE B 55 -26.83 3.51 -8.04
N VAL B 56 -26.48 2.36 -7.47
CA VAL B 56 -26.11 1.20 -8.27
C VAL B 56 -27.26 0.20 -8.18
N PRO B 57 -28.05 0.03 -9.23
CA PRO B 57 -29.09 -0.99 -9.21
C PRO B 57 -28.51 -2.40 -9.22
N ALA B 59 -29.56 -6.61 -10.48
CA ALA B 59 -30.31 -7.80 -10.87
C ALA B 59 -29.95 -8.87 -9.86
N TRP B 60 -30.80 -9.04 -8.86
CA TRP B 60 -30.50 -9.95 -7.75
C TRP B 60 -30.31 -11.38 -8.24
N ASP B 61 -31.27 -11.88 -9.02
CA ASP B 61 -31.08 -13.14 -9.74
C ASP B 61 -31.64 -12.96 -11.15
N GLU B 62 -31.73 -14.07 -11.89
CA GLU B 62 -32.10 -14.00 -13.29
C GLU B 62 -33.55 -13.54 -13.50
N ASN B 63 -34.31 -13.30 -12.43
CA ASN B 63 -35.72 -12.95 -12.53
C ASN B 63 -36.01 -11.53 -12.05
N PHE B 64 -35.00 -10.66 -12.03
CA PHE B 64 -35.22 -9.26 -11.67
C PHE B 64 -36.33 -8.66 -12.53
N ASN B 65 -37.02 -7.68 -11.97
CA ASN B 65 -38.05 -6.98 -12.74
C ASN B 65 -37.37 -6.04 -13.73
N GLU B 66 -37.48 -6.35 -15.02
CA GLU B 66 -36.71 -5.60 -15.99
C GLU B 66 -37.39 -4.29 -16.40
N GLU B 67 -38.72 -4.32 -16.57
CA GLU B 67 -39.48 -3.09 -16.76
C GLU B 67 -39.07 -2.04 -15.74
N ALA B 68 -39.00 -2.44 -14.47
CA ALA B 68 -38.62 -1.52 -13.40
C ALA B 68 -37.22 -0.97 -13.62
N LEU B 69 -36.27 -1.86 -13.93
CA LEU B 69 -34.88 -1.43 -14.12
C LEU B 69 -34.75 -0.48 -15.29
N ARG B 70 -35.23 -0.89 -16.46
CA ARG B 70 -35.04 -0.08 -17.66
C ARG B 70 -35.72 1.28 -17.52
N SER B 71 -36.90 1.30 -16.88
CA SER B 71 -37.63 2.56 -16.72
C SER B 71 -36.93 3.51 -15.76
N PHE B 72 -36.39 2.98 -14.66
CA PHE B 72 -35.58 3.80 -13.77
C PHE B 72 -34.37 4.38 -14.50
N LEU B 73 -33.72 3.56 -15.34
CA LEU B 73 -32.57 4.04 -16.10
C LEU B 73 -32.97 5.05 -17.17
N ASP B 74 -34.24 5.05 -17.59
CA ASP B 74 -34.72 6.07 -18.52
C ASP B 74 -34.75 7.45 -17.87
N ASN B 75 -35.01 7.52 -16.56
CA ASN B 75 -35.17 8.79 -15.86
C ASN B 75 -33.94 9.20 -15.07
N HIS B 76 -32.91 8.36 -15.01
CA HIS B 76 -31.67 8.67 -14.28
C HIS B 76 -30.48 8.23 -15.10
N PRO B 77 -30.03 9.08 -16.05
CA PRO B 77 -28.83 8.75 -16.83
C PRO B 77 -27.52 8.97 -16.09
N ASP B 78 -27.57 9.42 -14.84
CA ASP B 78 -26.39 9.54 -13.98
C ASP B 78 -25.97 8.20 -13.38
N VAL B 79 -26.78 7.16 -13.56
CA VAL B 79 -26.36 5.80 -13.21
C VAL B 79 -25.24 5.37 -14.14
N LYS B 80 -24.26 4.63 -13.60
CA LYS B 80 -23.10 4.20 -14.35
C LYS B 80 -22.74 2.73 -14.16
N TYR B 81 -23.42 2.01 -13.26
CA TYR B 81 -23.01 0.69 -12.84
C TYR B 81 -24.22 -0.20 -12.67
N LEU B 82 -24.01 -1.51 -12.75
CA LEU B 82 -25.08 -2.47 -12.56
C LEU B 82 -24.51 -3.73 -11.93
N LEU B 83 -25.07 -4.12 -10.79
CA LEU B 83 -24.59 -5.26 -10.02
C LEU B 83 -25.29 -6.54 -10.48
N GLY B 84 -24.48 -7.55 -10.81
CA GLY B 84 -24.98 -8.84 -11.22
C GLY B 84 -25.47 -9.66 -10.04
N TRP B 85 -25.78 -10.94 -10.33
CA TRP B 85 -26.50 -11.80 -9.41
C TRP B 85 -25.86 -11.79 -8.02
N ASN B 86 -26.72 -11.80 -6.98
CA ASN B 86 -26.26 -11.74 -5.59
C ASN B 86 -26.11 -13.15 -5.02
N GLU B 87 -24.89 -13.49 -4.63
CA GLU B 87 -24.50 -14.79 -4.06
C GLU B 87 -25.09 -15.97 -4.84
N PRO B 88 -24.77 -16.11 -6.13
CA PRO B 88 -25.31 -17.24 -6.90
C PRO B 88 -24.80 -18.59 -6.44
N ASN B 89 -23.65 -18.64 -5.76
CA ASN B 89 -23.16 -19.90 -5.21
C ASN B 89 -23.84 -20.27 -3.89
N PHE B 90 -24.91 -19.57 -3.52
CA PHE B 90 -25.71 -19.85 -2.34
C PHE B 90 -27.08 -20.30 -2.78
N GLU B 92 -29.76 -20.39 -1.01
CA GLU B 92 -30.74 -19.47 -0.46
C GLU B 92 -30.65 -18.06 -1.03
N GLN B 93 -29.79 -17.85 -2.04
CA GLN B 93 -29.71 -16.54 -2.67
C GLN B 93 -30.11 -16.66 -4.13
N ALA B 94 -29.26 -16.18 -5.06
CA ALA B 94 -29.60 -16.22 -6.47
C ALA B 94 -29.71 -17.64 -7.03
N ASN B 95 -28.97 -18.58 -6.44
CA ASN B 95 -29.01 -20.01 -6.78
C ASN B 95 -28.85 -20.25 -8.29
N LEU B 96 -27.64 -19.99 -8.77
CA LEU B 96 -27.33 -20.22 -10.17
C LEU B 96 -25.95 -20.84 -10.28
N THR B 97 -25.85 -21.95 -11.00
CA THR B 97 -24.55 -22.58 -11.22
C THR B 97 -23.69 -21.63 -12.07
N PRO B 98 -22.39 -21.90 -12.18
CA PRO B 98 -21.56 -21.02 -13.02
C PRO B 98 -22.11 -20.83 -14.44
N ALA B 99 -22.50 -21.92 -15.11
CA ALA B 99 -23.02 -21.77 -16.48
C ALA B 99 -24.41 -21.11 -16.49
N GLU B 100 -25.21 -21.31 -15.45
CA GLU B 100 -26.48 -20.57 -15.37
C GLU B 100 -26.22 -19.09 -15.17
N ALA B 101 -25.30 -18.74 -14.25
CA ALA B 101 -24.96 -17.34 -14.04
C ALA B 101 -24.46 -16.71 -15.33
N ALA B 102 -23.74 -17.48 -16.15
CA ALA B 102 -23.25 -16.94 -17.41
C ALA B 102 -24.30 -17.03 -18.53
N ALA B 103 -25.16 -18.05 -18.50
CA ALA B 103 -26.16 -18.16 -19.56
C ALA B 103 -27.09 -16.96 -19.57
N HIS B 104 -27.54 -16.54 -18.39
CA HIS B 104 -28.44 -15.40 -18.27
C HIS B 104 -27.72 -14.06 -18.30
N TRP B 105 -26.42 -14.04 -18.53
CA TRP B 105 -25.65 -12.81 -18.44
C TRP B 105 -25.94 -11.81 -19.56
N PRO B 106 -26.18 -12.22 -20.81
CA PRO B 106 -26.39 -11.20 -21.86
C PRO B 106 -27.59 -10.30 -21.62
N VAL B 107 -28.60 -10.75 -20.87
CA VAL B 107 -29.71 -9.85 -20.54
C VAL B 107 -29.19 -8.65 -19.75
N LEU B 108 -28.19 -8.86 -18.90
CA LEU B 108 -27.54 -7.74 -18.23
C LEU B 108 -26.67 -6.95 -19.20
N GLU B 109 -25.97 -7.63 -20.12
CA GLU B 109 -25.13 -6.94 -21.08
C GLU B 109 -25.94 -5.97 -21.93
N ALA B 110 -27.05 -6.47 -22.51
CA ALA B 110 -27.91 -5.64 -23.35
C ALA B 110 -28.30 -4.33 -22.67
N ILE B 111 -28.64 -4.39 -21.38
CA ILE B 111 -28.96 -3.19 -20.62
C ILE B 111 -27.74 -2.27 -20.54
N ALA B 112 -26.53 -2.84 -20.46
CA ALA B 112 -25.34 -2.01 -20.33
C ALA B 112 -25.04 -1.24 -21.61
N GLN B 113 -25.29 -1.87 -22.77
CA GLN B 113 -25.13 -1.19 -24.04
C GLN B 113 -26.09 -0.01 -24.16
N ASP B 114 -27.31 -0.17 -23.64
CA ASP B 114 -28.35 0.83 -23.91
C ASP B 114 -28.11 2.13 -23.13
N TYR B 115 -27.69 2.02 -21.87
CA TYR B 115 -27.57 3.19 -21.00
C TYR B 115 -26.13 3.56 -20.71
N ASN B 116 -25.19 2.91 -21.40
CA ASN B 116 -23.74 3.02 -21.20
C ASN B 116 -23.36 2.73 -19.75
N LEU B 117 -23.42 1.44 -19.39
CA LEU B 117 -23.14 1.00 -18.03
C LEU B 117 -21.99 0.00 -17.98
N LYS B 118 -21.42 -0.16 -16.80
CA LYS B 118 -20.44 -1.20 -16.53
C LYS B 118 -21.02 -2.26 -15.60
N LEU B 119 -20.73 -3.53 -15.91
CA LEU B 119 -21.22 -4.67 -15.15
C LEU B 119 -20.28 -5.03 -14.01
N VAL B 120 -20.85 -5.31 -12.84
CA VAL B 120 -20.13 -5.89 -11.71
C VAL B 120 -20.45 -7.38 -11.68
N ALA B 121 -19.40 -8.21 -11.55
CA ALA B 121 -19.54 -9.67 -11.53
C ALA B 121 -20.50 -10.07 -10.41
N PRO B 122 -21.04 -11.29 -10.48
CA PRO B 122 -21.88 -11.78 -9.38
C PRO B 122 -21.11 -11.83 -8.07
N ALA B 123 -21.72 -11.27 -7.02
CA ALA B 123 -21.08 -11.23 -5.71
C ALA B 123 -21.00 -12.64 -5.15
N VAL B 124 -19.83 -13.01 -4.63
CA VAL B 124 -19.62 -14.34 -4.07
C VAL B 124 -18.94 -14.22 -2.71
N ASN B 125 -18.94 -15.36 -2.01
CA ASN B 125 -18.30 -15.55 -0.72
C ASN B 125 -18.19 -17.06 -0.54
N TYR B 126 -17.43 -17.48 0.47
CA TYR B 126 -17.49 -18.89 0.87
C TYR B 126 -18.93 -19.29 1.12
N SER B 127 -19.32 -20.46 0.61
CA SER B 127 -20.73 -20.84 0.56
C SER B 127 -20.97 -22.11 1.35
N PRO B 128 -22.24 -22.46 1.64
CA PRO B 128 -22.53 -23.81 2.14
C PRO B 128 -22.11 -24.90 1.17
N GLY B 129 -21.87 -24.56 -0.09
CA GLY B 129 -21.45 -25.54 -1.07
C GLY B 129 -22.57 -26.34 -1.70
N ASN B 130 -23.81 -25.85 -1.65
CA ASN B 130 -24.92 -26.61 -2.18
C ASN B 130 -25.21 -26.30 -3.64
N VAL B 131 -24.53 -25.32 -4.23
CA VAL B 131 -24.57 -25.06 -5.66
C VAL B 131 -23.34 -25.77 -6.26
N ASP B 132 -23.56 -26.92 -6.88
CA ASP B 132 -22.46 -27.75 -7.37
C ASP B 132 -21.72 -27.03 -8.50
N ILE B 133 -20.41 -26.84 -8.31
CA ILE B 133 -19.52 -26.36 -9.36
C ILE B 133 -19.06 -27.59 -10.12
N PRO B 134 -19.08 -27.59 -11.45
CA PRO B 134 -18.74 -28.79 -12.21
C PRO B 134 -17.24 -29.06 -12.15
N GLY B 135 -16.89 -30.34 -11.99
CA GLY B 135 -15.51 -30.76 -11.95
C GLY B 135 -14.78 -30.51 -10.64
N THR B 136 -15.50 -30.39 -9.52
CA THR B 136 -14.85 -30.21 -8.22
C THR B 136 -15.84 -30.57 -7.12
N ASP B 137 -15.30 -31.17 -6.05
CA ASP B 137 -16.07 -31.45 -4.84
C ASP B 137 -16.14 -30.26 -3.89
N ASP B 138 -15.23 -29.28 -4.05
CA ASP B 138 -15.19 -28.10 -3.19
C ASP B 138 -16.07 -26.99 -3.76
N ASP B 139 -17.37 -27.29 -3.82
CA ASP B 139 -18.36 -26.37 -4.37
C ASP B 139 -18.52 -25.08 -3.55
N TYR B 140 -18.04 -25.08 -2.29
CA TYR B 140 -18.11 -23.91 -1.42
C TYR B 140 -17.16 -22.78 -1.86
N ASP B 141 -16.15 -23.11 -2.68
CA ASP B 141 -15.01 -22.21 -2.91
C ASP B 141 -15.42 -21.09 -3.87
N PRO B 142 -15.21 -19.82 -3.50
CA PRO B 142 -15.72 -18.73 -4.33
C PRO B 142 -14.87 -18.46 -5.57
N TRP B 143 -13.55 -18.63 -5.48
CA TRP B 143 -12.70 -18.44 -6.66
C TRP B 143 -12.95 -19.54 -7.68
N LEU B 144 -13.17 -20.77 -7.23
CA LEU B 144 -13.55 -21.81 -8.16
C LEU B 144 -14.87 -21.48 -8.82
N TYR B 145 -15.81 -20.87 -8.08
CA TYR B 145 -17.03 -20.37 -8.71
C TYR B 145 -16.72 -19.36 -9.79
N LEU B 146 -16.00 -18.29 -9.43
CA LEU B 146 -15.67 -17.27 -10.41
C LEU B 146 -14.84 -17.83 -11.57
N ASP B 147 -13.99 -18.83 -11.32
CA ASP B 147 -13.23 -19.45 -12.39
C ASP B 147 -14.16 -20.07 -13.44
N ALA B 148 -15.16 -20.83 -12.97
CA ALA B 148 -16.07 -21.49 -13.89
C ALA B 148 -17.08 -20.53 -14.51
N PHE B 149 -17.46 -19.48 -13.78
CA PHE B 149 -18.33 -18.44 -14.34
C PHE B 149 -17.69 -17.73 -15.52
N PHE B 150 -16.39 -17.41 -15.41
CA PHE B 150 -15.71 -16.68 -16.47
C PHE B 150 -15.43 -17.58 -17.66
N GLU B 151 -15.08 -18.85 -17.38
CA GLU B 151 -14.90 -19.83 -18.46
C GLU B 151 -16.16 -19.92 -19.30
N ALA B 152 -17.33 -19.98 -18.65
CA ALA B 152 -18.61 -20.08 -19.36
C ALA B 152 -19.01 -18.75 -19.99
N CYS B 153 -18.58 -17.64 -19.42
CA CYS B 153 -19.00 -16.33 -19.90
C CYS B 153 -18.04 -15.76 -20.94
N GLU B 154 -17.66 -16.56 -21.93
CA GLU B 154 -16.66 -16.10 -22.89
C GLU B 154 -17.22 -14.93 -23.70
N GLY B 155 -16.47 -13.83 -23.72
CA GLY B 155 -16.86 -12.63 -24.40
C GLY B 155 -17.61 -11.63 -23.57
N CYS B 156 -18.00 -12.00 -22.36
CA CYS B 156 -18.94 -11.20 -21.57
C CYS B 156 -18.30 -9.92 -21.07
N GLN B 157 -19.06 -8.83 -21.18
CA GLN B 157 -18.69 -7.60 -20.48
C GLN B 157 -18.84 -7.85 -18.97
N VAL B 158 -17.71 -7.98 -18.28
CA VAL B 158 -17.66 -8.04 -16.83
C VAL B 158 -16.52 -7.12 -16.42
N ASP B 159 -16.86 -5.96 -15.84
CA ASP B 159 -15.88 -4.91 -15.62
C ASP B 159 -15.29 -4.95 -14.22
N TYR B 160 -16.03 -5.49 -13.25
CA TYR B 160 -15.61 -5.51 -11.85
C TYR B 160 -15.96 -6.84 -11.22
N ILE B 161 -15.26 -7.16 -10.12
CA ILE B 161 -15.55 -8.31 -9.25
C ILE B 161 -16.27 -7.82 -7.99
N ALA B 162 -17.29 -8.55 -7.55
CA ALA B 162 -17.95 -8.26 -6.29
C ALA B 162 -17.65 -9.34 -5.26
N VAL B 163 -17.46 -8.93 -4.01
CA VAL B 163 -17.01 -9.82 -2.93
C VAL B 163 -17.83 -9.56 -1.67
N HIS B 164 -18.19 -10.62 -0.97
CA HIS B 164 -18.83 -10.54 0.34
C HIS B 164 -17.91 -11.17 1.39
N CYS B 165 -17.86 -10.61 2.59
CA CYS B 165 -17.00 -11.20 3.61
C CYS B 165 -17.47 -10.83 5.01
N TYR B 166 -17.62 -11.83 5.89
CA TYR B 166 -18.03 -11.59 7.26
C TYR B 166 -17.04 -12.15 8.28
N LYS B 168 -14.01 -11.92 11.09
CA LYS B 168 -13.89 -10.98 12.21
C LYS B 168 -12.50 -10.40 12.40
N TYR B 169 -11.47 -10.93 11.76
CA TYR B 169 -10.11 -10.42 11.93
C TYR B 169 -9.72 -9.69 10.67
N GLU B 170 -9.17 -8.49 10.82
CA GLU B 170 -8.88 -7.66 9.66
C GLU B 170 -7.76 -8.24 8.78
N SER B 171 -6.84 -9.02 9.34
CA SER B 171 -5.82 -9.63 8.51
C SER B 171 -6.34 -10.84 7.75
N ALA B 172 -7.38 -11.52 8.25
CA ALA B 172 -8.06 -12.50 7.41
C ALA B 172 -8.76 -11.79 6.26
N PHE B 173 -9.47 -10.72 6.59
CA PHE B 173 -10.18 -9.91 5.60
C PHE B 173 -9.28 -9.49 4.43
N SER B 174 -8.17 -8.79 4.73
CA SER B 174 -7.36 -8.28 3.64
C SER B 174 -6.66 -9.42 2.87
N TRP B 175 -6.39 -10.55 3.52
CA TRP B 175 -5.96 -11.71 2.76
C TRP B 175 -7.07 -12.17 1.80
N TYR B 176 -8.30 -12.32 2.32
CA TYR B 176 -9.39 -12.87 1.55
C TYR B 176 -9.71 -12.01 0.34
N VAL B 177 -9.88 -10.71 0.56
CA VAL B 177 -10.23 -9.84 -0.55
C VAL B 177 -9.10 -9.77 -1.55
N GLY B 178 -7.85 -9.80 -1.04
CA GLY B 178 -6.69 -9.78 -1.91
C GLY B 178 -6.67 -10.91 -2.91
N GLU B 179 -7.18 -12.09 -2.52
CA GLU B 179 -7.17 -13.24 -3.41
C GLU B 179 -7.91 -13.00 -4.72
N PHE B 180 -8.81 -12.01 -4.75
CA PHE B 180 -9.67 -11.69 -5.88
C PHE B 180 -9.02 -10.74 -6.87
N GLU B 181 -7.89 -10.12 -6.50
CA GLU B 181 -7.14 -9.30 -7.45
C GLU B 181 -6.59 -10.12 -8.61
N ARG B 182 -6.62 -11.45 -8.51
CA ARG B 182 -6.05 -12.33 -9.52
C ARG B 182 -6.72 -12.18 -10.88
N TYR B 183 -7.93 -11.61 -10.92
CA TYR B 183 -8.68 -11.55 -12.16
C TYR B 183 -8.39 -10.29 -12.97
N ASN B 184 -7.56 -9.39 -12.42
CA ASN B 184 -7.15 -8.16 -13.09
C ASN B 184 -8.31 -7.19 -13.29
N LYS B 185 -9.33 -7.26 -12.44
CA LYS B 185 -10.41 -6.29 -12.46
C LYS B 185 -10.54 -5.64 -11.09
N PRO B 186 -10.98 -4.38 -11.04
CA PRO B 186 -11.18 -3.72 -9.75
C PRO B 186 -12.30 -4.38 -8.96
N ILE B 187 -12.22 -4.24 -7.64
CA ILE B 187 -13.03 -5.02 -6.70
C ILE B 187 -14.02 -4.10 -6.01
N TRP B 188 -15.27 -4.53 -5.96
CA TRP B 188 -16.27 -3.95 -5.05
C TRP B 188 -16.55 -4.96 -3.96
N VAL B 189 -16.26 -4.59 -2.71
CA VAL B 189 -16.74 -5.33 -1.55
C VAL B 189 -18.12 -4.77 -1.21
N THR B 190 -19.16 -5.49 -1.61
CA THR B 190 -20.51 -4.94 -1.51
C THR B 190 -21.21 -5.29 -0.20
N GLU B 191 -20.67 -6.23 0.59
CA GLU B 191 -21.16 -6.51 1.92
C GLU B 191 -19.98 -6.93 2.79
N TRP B 192 -19.78 -6.26 3.91
CA TRP B 192 -18.89 -6.82 4.93
C TRP B 192 -19.23 -6.25 6.30
N ALA B 193 -18.83 -7.01 7.32
CA ALA B 193 -18.97 -6.69 8.73
C ALA B 193 -18.32 -7.82 9.48
N GLY B 194 -17.68 -7.53 10.61
CA GLY B 194 -17.15 -8.58 11.45
C GLY B 194 -18.29 -9.35 12.07
N TRP B 195 -18.37 -10.65 11.80
CA TRP B 195 -19.54 -11.40 12.22
C TRP B 195 -19.24 -12.86 12.52
N ASP B 196 -18.44 -13.53 11.68
CA ASP B 196 -18.20 -14.95 11.86
C ASP B 196 -17.35 -15.21 13.10
N ASP B 197 -17.29 -16.47 13.51
CA ASP B 197 -16.39 -16.96 14.56
C ASP B 197 -16.56 -16.18 15.86
N GLY B 198 -17.82 -15.85 16.19
CA GLY B 198 -18.16 -15.13 17.40
C GLY B 198 -18.32 -13.64 17.21
N GLY B 199 -17.76 -13.08 16.14
CA GLY B 199 -17.88 -11.67 15.84
C GLY B 199 -17.31 -10.80 16.93
N PRO B 200 -17.66 -9.50 16.90
CA PRO B 200 -17.12 -8.57 17.89
C PRO B 200 -17.63 -8.87 19.28
N ALA B 201 -16.73 -8.75 20.26
CA ALA B 201 -17.16 -8.92 21.64
C ALA B 201 -18.00 -7.74 22.14
N ASN B 202 -17.86 -6.58 21.53
CA ASN B 202 -18.54 -5.37 21.97
C ASN B 202 -18.54 -4.42 20.78
N GLY B 204 -17.20 -1.52 20.35
CA GLY B 204 -15.90 -0.95 20.01
C GLY B 204 -15.04 -1.87 19.16
N GLU B 205 -15.18 -3.20 19.37
CA GLU B 205 -14.49 -4.15 18.50
C GLU B 205 -14.95 -4.03 17.07
N GLN B 206 -16.27 -3.90 16.86
CA GLN B 206 -16.76 -3.69 15.50
C GLN B 206 -16.18 -2.41 14.92
N ASN B 208 -13.40 -0.92 15.67
CA ASN B 208 -11.98 -1.14 15.40
C ASN B 208 -11.77 -1.95 14.12
N PHE B 209 -12.56 -3.02 13.93
CA PHE B 209 -12.49 -3.81 12.71
C PHE B 209 -12.88 -2.99 11.48
N LEU B 210 -13.94 -2.17 11.61
CA LEU B 210 -14.37 -1.31 10.51
C LEU B 210 -13.29 -0.32 10.14
N SER B 211 -12.65 0.28 11.14
CA SER B 211 -11.53 1.18 10.89
C SER B 211 -10.39 0.45 10.18
N ASP B 212 -9.96 -0.70 10.72
CA ASP B 212 -8.83 -1.40 10.11
C ASP B 212 -9.09 -1.69 8.64
N THR B 213 -10.29 -2.20 8.33
CA THR B 213 -10.54 -2.72 6.99
C THR B 213 -10.86 -1.61 5.99
N VAL B 214 -11.65 -0.61 6.41
CA VAL B 214 -11.79 0.62 5.62
C VAL B 214 -10.43 1.20 5.27
N ARG B 215 -9.55 1.34 6.28
CA ARG B 215 -8.25 1.95 6.03
C ARG B 215 -7.43 1.12 5.03
N TRP B 216 -7.51 -0.20 5.13
CA TRP B 216 -6.77 -1.06 4.22
C TRP B 216 -7.30 -0.92 2.79
N GLU B 218 -8.97 1.70 1.56
CA GLU B 218 -8.63 3.01 1.01
C GLU B 218 -7.22 3.00 0.43
N SER B 219 -6.33 2.19 0.99
CA SER B 219 -4.93 2.16 0.55
C SER B 219 -4.68 1.18 -0.59
N ASN B 220 -5.65 0.37 -0.96
CA ASN B 220 -5.47 -0.69 -1.93
C ASN B 220 -6.06 -0.22 -3.25
N ASP B 221 -5.19 0.15 -4.19
CA ASP B 221 -5.65 0.69 -5.47
C ASP B 221 -6.59 -0.25 -6.23
N ASN B 222 -6.57 -1.56 -5.93
CA ASN B 222 -7.46 -2.47 -6.64
C ASN B 222 -8.87 -2.50 -6.09
N ILE B 223 -9.10 -1.91 -4.92
CA ILE B 223 -10.45 -1.78 -4.40
C ILE B 223 -11.08 -0.53 -5.01
N TYR B 224 -12.14 -0.73 -5.81
CA TYR B 224 -12.86 0.38 -6.44
C TYR B 224 -13.87 0.98 -5.48
N ARG B 225 -14.71 0.15 -4.87
CA ARG B 225 -15.73 0.63 -3.94
C ARG B 225 -15.96 -0.43 -2.87
N TYR B 226 -16.47 0.01 -1.74
CA TYR B 226 -16.90 -0.90 -0.69
C TYR B 226 -18.17 -0.32 -0.07
N SER B 227 -18.94 -1.19 0.58
CA SER B 227 -20.17 -0.75 1.20
C SER B 227 -20.45 -1.63 2.42
N TRP B 228 -20.33 -1.03 3.60
CA TRP B 228 -20.62 -1.70 4.87
C TRP B 228 -22.03 -2.29 4.92
N PHE B 229 -22.15 -3.46 5.57
CA PHE B 229 -23.45 -4.10 5.80
C PHE B 229 -23.89 -3.86 7.24
N LEU B 230 -24.85 -2.95 7.46
CA LEU B 230 -25.77 -2.27 6.56
C LEU B 230 -26.29 -0.97 7.19
N GLY B 231 -27.09 -0.20 6.45
CA GLY B 231 -27.61 1.07 6.92
C GLY B 231 -28.30 1.00 8.27
N ARG B 232 -29.33 0.17 8.36
CA ARG B 232 -30.06 -0.07 9.60
C ARG B 232 -30.37 -1.55 9.70
N SER B 233 -30.25 -2.11 10.91
CA SER B 233 -30.49 -3.51 11.15
C SER B 233 -31.82 -3.69 11.88
N SER B 234 -32.32 -4.93 11.87
CA SER B 234 -33.57 -5.21 12.56
C SER B 234 -33.38 -5.30 14.08
N GLU B 235 -32.20 -5.71 14.55
CA GLU B 235 -31.98 -5.82 15.99
C GLU B 235 -31.70 -4.46 16.63
N GLY B 236 -31.01 -3.58 15.92
CA GLY B 236 -30.61 -2.30 16.46
C GLY B 236 -29.10 -2.22 16.61
N TYR B 237 -28.59 -0.97 16.65
CA TYR B 237 -27.15 -0.75 16.60
C TYR B 237 -26.44 -1.22 17.87
N ASP B 238 -27.13 -1.28 19.01
CA ASP B 238 -26.52 -1.75 20.25
C ASP B 238 -26.74 -3.23 20.49
N GLN B 239 -27.26 -3.96 19.50
CA GLN B 239 -27.36 -5.41 19.51
C GLN B 239 -26.25 -6.03 18.66
N PHE B 240 -25.76 -7.19 19.10
CA PHE B 240 -24.77 -7.93 18.32
C PHE B 240 -25.27 -8.17 16.90
N PRO B 241 -24.43 -8.02 15.88
CA PRO B 241 -23.02 -7.55 15.91
C PRO B 241 -22.79 -6.05 15.67
N TYR B 242 -23.70 -5.16 16.11
CA TYR B 242 -23.46 -3.72 16.18
C TYR B 242 -23.25 -3.10 14.80
N LEU B 243 -24.19 -3.37 13.89
CA LEU B 243 -24.01 -3.16 12.45
C LEU B 243 -24.35 -1.75 11.97
N ASP B 244 -25.34 -1.12 12.61
CA ASP B 244 -26.03 0.03 12.01
C ASP B 244 -25.09 1.20 11.77
N VAL B 245 -25.22 1.81 10.60
CA VAL B 245 -24.56 3.07 10.29
C VAL B 245 -25.46 4.27 10.61
N LEU B 246 -26.76 4.13 10.39
CA LEU B 246 -27.72 5.20 10.62
C LEU B 246 -28.49 4.90 11.89
N LEU B 247 -28.75 5.93 12.68
CA LEU B 247 -29.50 5.71 13.90
C LEU B 247 -30.89 6.29 13.70
N ALA B 248 -31.24 7.35 14.42
CA ALA B 248 -32.52 8.01 14.18
C ALA B 248 -32.50 8.68 12.80
N ASP B 249 -33.67 9.06 12.32
CA ASP B 249 -33.77 9.76 11.03
C ASP B 249 -32.76 10.90 10.97
N GLY B 250 -31.93 10.90 9.92
CA GLY B 250 -30.93 11.94 9.74
C GLY B 250 -29.80 11.95 10.74
N GLU B 251 -29.53 10.83 11.42
CA GLU B 251 -28.48 10.80 12.45
C GLU B 251 -27.68 9.50 12.34
N LEU B 252 -26.49 9.51 12.91
CA LEU B 252 -25.53 8.41 12.76
C LEU B 252 -25.31 7.69 14.08
N THR B 253 -25.01 6.39 14.00
CA THR B 253 -24.55 5.65 15.17
C THR B 253 -23.10 6.04 15.44
N PRO B 254 -22.57 5.69 16.62
CA PRO B 254 -21.10 5.84 16.81
C PRO B 254 -20.28 5.13 15.74
N LEU B 255 -20.66 3.91 15.37
CA LEU B 255 -19.97 3.23 14.28
C LEU B 255 -20.15 3.97 12.96
N GLY B 256 -21.33 4.53 12.73
CA GLY B 256 -21.52 5.27 11.48
C GLY B 256 -20.78 6.59 11.44
N SER B 257 -20.40 7.12 12.61
CA SER B 257 -19.54 8.29 12.63
C SER B 257 -18.11 7.92 12.23
N VAL B 258 -17.62 6.78 12.71
CA VAL B 258 -16.33 6.25 12.26
C VAL B 258 -16.36 5.98 10.76
N TYR B 259 -17.40 5.26 10.30
CA TYR B 259 -17.54 4.93 8.89
C TYR B 259 -17.42 6.16 7.99
N THR B 260 -18.21 7.20 8.27
CA THR B 260 -18.30 8.37 7.39
C THR B 260 -17.12 9.33 7.56
N SER B 261 -16.35 9.21 8.65
CA SER B 261 -15.27 10.16 8.90
C SER B 261 -13.93 9.76 8.29
N ILE B 262 -13.69 8.48 8.00
CA ILE B 262 -12.34 8.05 7.69
C ILE B 262 -11.97 8.58 6.31
N PRO B 263 -10.90 9.36 6.19
CA PRO B 263 -10.55 9.96 4.89
C PRO B 263 -9.85 8.99 3.96
N SER B 264 -10.00 9.24 2.68
CA SER B 264 -9.28 8.54 1.66
C SER B 264 -7.81 8.95 1.72
N ASN B 265 -6.96 8.27 0.94
CA ASN B 265 -5.55 8.61 0.99
C ASN B 265 -5.33 10.08 0.64
N ASP B 266 -5.97 10.55 -0.41
CA ASP B 266 -5.66 11.86 -0.98
C ASP B 266 -6.53 12.99 -0.47
N PHE B 267 -7.67 12.68 0.17
CA PHE B 267 -8.44 13.70 0.84
C PHE B 267 -7.54 14.48 1.80
N ARG B 268 -7.74 15.82 1.85
CA ARG B 268 -7.07 16.68 2.82
C ARG B 268 -8.08 17.58 3.52
N TYR B 269 -7.97 17.69 4.84
CA TYR B 269 -8.82 18.60 5.62
C TYR B 269 -8.47 20.06 5.34
N LYS B 270 -9.49 20.86 5.00
CA LYS B 270 -9.30 22.30 5.03
C LYS B 270 -9.61 22.83 6.43
N ILE B 271 -9.03 23.97 6.76
CA ILE B 271 -9.22 24.60 8.06
C ILE B 271 -9.39 26.11 7.87
N PRO B 272 -10.00 26.80 8.85
CA PRO B 272 -10.55 26.37 10.16
C PRO B 272 -11.61 25.29 10.05
N ALA B 273 -11.63 24.31 10.95
CA ALA B 273 -12.65 23.30 10.95
C ALA B 273 -12.61 22.58 12.28
N ARG B 274 -13.72 21.93 12.61
CA ARG B 274 -13.71 20.86 13.60
C ARG B 274 -13.58 19.55 12.86
N ILE B 275 -12.71 18.69 13.36
CA ILE B 275 -12.39 17.41 12.71
C ILE B 275 -12.64 16.32 13.74
N GLU B 276 -13.50 15.37 13.41
CA GLU B 276 -13.74 14.27 14.33
C GLU B 276 -12.46 13.49 14.55
N ALA B 277 -12.24 13.07 15.81
CA ALA B 277 -11.00 12.36 16.10
C ALA B 277 -10.91 11.09 15.26
N GLU B 278 -12.04 10.44 15.04
CA GLU B 278 -12.16 9.21 14.25
C GLU B 278 -11.97 9.43 12.76
N GLY B 279 -11.59 10.62 12.33
CA GLY B 279 -11.34 10.92 10.93
C GLY B 279 -9.84 11.08 10.66
N ALA B 280 -9.02 10.47 11.49
CA ALA B 280 -7.58 10.50 11.31
C ALA B 280 -7.20 9.81 10.01
N HIS B 281 -6.20 10.36 9.33
CA HIS B 281 -5.62 9.61 8.21
C HIS B 281 -4.88 8.39 8.70
N SER B 282 -4.41 8.39 9.94
CA SER B 282 -3.52 7.33 10.39
C SER B 282 -3.62 7.18 11.90
N LEU B 283 -3.81 5.94 12.37
CA LEU B 283 -3.90 5.64 13.79
C LEU B 283 -2.81 4.67 14.17
N THR B 284 -2.20 4.87 15.33
CA THR B 284 -1.36 3.85 15.94
C THR B 284 -1.84 3.64 17.37
N GLY B 285 -2.28 2.41 17.69
CA GLY B 285 -2.74 2.13 19.04
C GLY B 285 -4.16 2.56 19.38
N PHE B 286 -4.58 3.75 18.92
CA PHE B 286 -5.90 4.27 19.29
C PHE B 286 -7.02 3.28 18.97
N LYS B 287 -7.90 3.08 19.94
CA LYS B 287 -9.09 2.24 19.81
C LYS B 287 -10.34 3.11 19.86
N HIS B 288 -11.46 2.55 19.38
CA HIS B 288 -12.69 3.29 19.19
C HIS B 288 -13.73 2.86 20.23
N LEU B 289 -14.56 3.81 20.67
CA LEU B 289 -15.68 3.51 21.57
C LEU B 289 -16.74 4.57 21.40
N ALA B 290 -17.99 4.19 21.65
CA ALA B 290 -19.04 5.19 21.74
C ALA B 290 -18.71 6.16 22.86
N THR B 291 -19.18 7.40 22.73
CA THR B 291 -19.08 8.35 23.84
C THR B 291 -20.46 8.87 24.22
N THR B 292 -20.58 9.32 25.47
CA THR B 292 -21.78 10.01 25.89
C THR B 292 -21.59 11.51 25.88
N ASP B 293 -20.45 11.99 25.40
CA ASP B 293 -20.30 13.41 25.13
C ASP B 293 -21.44 13.88 24.24
N THR B 294 -21.99 15.05 24.58
CA THR B 294 -23.10 15.59 23.80
C THR B 294 -22.67 16.09 22.44
N THR B 295 -21.37 16.21 22.19
CA THR B 295 -20.88 16.84 20.97
C THR B 295 -20.20 15.87 19.99
N GLY B 296 -20.35 14.53 20.15
CA GLY B 296 -19.47 13.66 19.36
C GLY B 296 -19.75 12.30 18.72
N LEU B 297 -20.68 11.50 19.25
CA LEU B 297 -20.92 10.12 18.77
C LEU B 297 -19.81 9.09 19.08
N ALA B 298 -18.56 9.28 18.62
CA ALA B 298 -17.51 8.30 18.84
C ALA B 298 -16.22 8.94 19.35
N LYS B 299 -15.43 8.17 20.11
CA LYS B 299 -14.18 8.67 20.65
C LYS B 299 -13.04 7.70 20.40
N LEU B 300 -11.83 8.26 20.33
CA LEU B 300 -10.61 7.47 20.34
C LEU B 300 -10.17 7.37 21.79
N ILE B 301 -9.63 6.21 22.16
CA ILE B 301 -9.23 5.96 23.54
C ILE B 301 -7.73 5.71 23.58
N ALA B 302 -7.04 6.36 24.52
CA ALA B 302 -5.60 6.24 24.68
C ALA B 302 -5.29 5.68 26.06
N ALA B 303 -4.46 4.63 26.11
CA ALA B 303 -3.96 4.12 27.37
C ALA B 303 -2.45 4.32 27.55
N SER B 304 -1.71 4.71 26.50
CA SER B 304 -0.27 4.76 26.62
C SER B 304 0.36 5.79 25.68
N ASN B 305 0.91 5.36 24.54
CA ASN B 305 1.61 6.27 23.63
C ASN B 305 1.04 6.28 22.22
N GLU B 306 -0.28 6.11 22.11
CA GLU B 306 -1.01 6.13 20.85
C GLU B 306 -0.80 7.44 20.10
N VAL B 307 -0.98 7.38 18.78
CA VAL B 307 -0.71 8.50 17.87
C VAL B 307 -1.83 8.58 16.85
N ALA B 308 -2.27 9.80 16.56
CA ALA B 308 -3.26 10.05 15.53
C ALA B 308 -2.73 11.17 14.64
N GLU B 309 -2.86 10.99 13.33
CA GLU B 309 -2.30 11.91 12.35
C GLU B 309 -3.42 12.38 11.41
N TYR B 310 -3.48 13.70 11.20
CA TYR B 310 -4.52 14.34 10.41
C TYR B 310 -3.81 15.12 9.32
N LYS B 311 -4.16 14.86 8.07
CA LYS B 311 -3.48 15.49 6.96
C LYS B 311 -4.25 16.70 6.47
N LEU B 312 -3.58 17.85 6.45
CA LEU B 312 -4.23 19.13 6.22
C LEU B 312 -3.79 19.75 4.92
N ASN B 313 -4.72 20.50 4.33
CA ASN B 313 -4.46 21.41 3.22
C ASN B 313 -4.73 22.79 3.82
N VAL B 314 -3.67 23.46 4.26
CA VAL B 314 -3.77 24.79 4.88
C VAL B 314 -3.77 25.82 3.76
N GLU B 315 -4.95 26.38 3.44
CA GLU B 315 -5.02 27.32 2.34
C GLU B 315 -4.53 28.71 2.74
N GLU B 316 -4.75 29.10 4.00
CA GLU B 316 -4.32 30.40 4.50
C GLU B 316 -3.38 30.15 5.66
N GLY B 317 -2.11 30.48 5.48
CA GLY B 317 -1.15 30.38 6.54
C GLY B 317 -1.46 31.35 7.66
N GLY B 318 -0.84 31.10 8.80
CA GLY B 318 -1.07 31.98 9.92
C GLY B 318 -1.09 31.22 11.23
N ASP B 319 -1.31 31.94 12.31
CA ASP B 319 -1.50 31.31 13.60
C ASP B 319 -2.91 30.78 13.72
N TYR B 320 -3.04 29.51 14.11
CA TYR B 320 -4.31 28.90 14.47
C TYR B 320 -4.26 28.45 15.92
N THR B 321 -5.42 28.41 16.57
CA THR B 321 -5.53 27.79 17.88
C THR B 321 -6.05 26.38 17.68
N LEU B 322 -5.44 25.43 18.40
CA LEU B 322 -5.84 24.04 18.37
C LEU B 322 -6.59 23.72 19.64
N ALA B 323 -7.78 23.14 19.50
CA ALA B 323 -8.62 22.80 20.63
C ALA B 323 -8.92 21.31 20.56
N LEU B 324 -8.91 20.66 21.72
CA LEU B 324 -9.15 19.23 21.82
C LEU B 324 -10.29 18.98 22.80
N ARG B 325 -11.29 18.23 22.36
CA ARG B 325 -12.34 17.71 23.22
C ARG B 325 -11.84 16.41 23.88
N LEU B 326 -11.66 16.45 25.19
CA LEU B 326 -10.90 15.43 25.91
C LEU B 326 -11.61 15.00 27.20
N ALA B 327 -11.37 13.76 27.61
CA ALA B 327 -11.85 13.28 28.90
C ALA B 327 -10.74 12.44 29.53
N SER B 328 -10.44 12.70 30.81
CA SER B 328 -9.25 12.14 31.45
C SER B 328 -9.45 12.08 32.96
N SER B 329 -9.46 10.87 33.55
CA SER B 329 -9.68 10.73 34.99
C SER B 329 -8.51 11.21 35.82
N ALA B 330 -7.30 11.12 35.28
CA ALA B 330 -6.10 11.62 35.93
C ALA B 330 -5.41 12.58 34.97
N ASN B 331 -4.21 13.01 35.32
CA ASN B 331 -3.48 13.93 34.46
C ASN B 331 -3.00 13.22 33.20
N SER B 332 -3.36 13.77 32.05
CA SER B 332 -2.85 13.35 30.76
C SER B 332 -2.00 14.46 30.18
N ASP B 333 -0.96 14.07 29.45
CA ASP B 333 -0.14 14.96 28.65
C ASP B 333 -0.29 14.53 27.20
N ILE B 334 -0.39 15.50 26.28
CA ILE B 334 -0.67 15.20 24.88
C ILE B 334 0.21 16.11 24.05
N ALA B 335 1.14 15.53 23.31
CA ALA B 335 2.05 16.28 22.46
C ALA B 335 1.40 16.53 21.11
N ILE B 336 1.70 17.68 20.54
CA ILE B 336 1.16 18.10 19.27
C ILE B 336 2.32 18.36 18.33
N ARG B 337 2.30 17.71 17.18
CA ARG B 337 3.37 17.91 16.22
C ARG B 337 2.79 18.34 14.90
N VAL B 338 3.57 19.13 14.17
CA VAL B 338 3.28 19.50 12.79
C VAL B 338 4.47 19.09 11.94
N ASP B 339 4.24 18.19 10.97
CA ASP B 339 5.30 17.60 10.16
C ASP B 339 6.42 17.01 11.02
N GLY B 340 6.02 16.27 12.06
CA GLY B 340 6.94 15.63 12.96
C GLY B 340 7.56 16.52 14.02
N LEU B 341 7.42 17.84 13.95
CA LEU B 341 8.08 18.73 14.91
C LEU B 341 7.10 19.16 15.99
N LEU B 342 7.55 19.07 17.25
CA LEU B 342 6.73 19.52 18.38
C LEU B 342 6.41 21.00 18.25
N VAL B 343 5.14 21.36 18.47
CA VAL B 343 4.74 22.76 18.52
C VAL B 343 3.98 23.11 19.80
N TYR B 344 3.38 22.16 20.52
CA TYR B 344 2.64 22.44 21.74
C TYR B 344 2.47 21.14 22.52
N THR B 345 2.29 21.25 23.83
CA THR B 345 2.02 20.07 24.66
C THR B 345 0.91 20.37 25.67
N PHE B 346 -0.25 19.74 25.48
CA PHE B 346 -1.28 19.80 26.51
C PHE B 346 -0.77 19.07 27.76
N GLU B 347 -0.71 19.78 28.89
CA GLU B 347 -0.10 19.24 30.09
C GLU B 347 -1.12 19.19 31.22
N ASP B 348 -1.16 18.06 31.92
CA ASP B 348 -1.96 17.90 33.13
C ASP B 348 -3.46 18.08 32.85
N ILE B 349 -3.90 17.58 31.70
CA ILE B 349 -5.32 17.58 31.35
C ILE B 349 -6.05 16.62 32.27
N ASN B 350 -7.05 17.12 33.00
CA ASN B 350 -7.81 16.28 33.93
C ASN B 350 -9.23 16.80 34.03
N THR B 351 -10.19 15.97 33.63
CA THR B 351 -11.59 16.34 33.71
C THR B 351 -12.31 15.66 34.87
N GLY B 352 -11.63 14.78 35.59
CA GLY B 352 -12.21 14.08 36.71
C GLY B 352 -12.94 12.80 36.37
N GLY B 353 -13.01 12.41 35.09
CA GLY B 353 -13.72 11.20 34.73
C GLY B 353 -13.53 10.83 33.27
N VAL B 354 -13.76 9.54 32.98
CA VAL B 354 -13.58 9.03 31.62
C VAL B 354 -14.69 9.51 30.71
N GLU B 355 -15.86 9.87 31.26
CA GLU B 355 -16.92 10.47 30.45
C GLU B 355 -17.26 11.89 30.90
N ALA B 356 -16.35 12.56 31.61
CA ALA B 356 -16.46 13.98 31.89
C ALA B 356 -15.65 14.73 30.83
N TRP B 357 -16.34 15.44 29.96
CA TRP B 357 -15.75 16.08 28.78
C TRP B 357 -15.48 17.56 28.99
N THR B 359 -13.23 21.07 26.68
CA THR B 359 -12.48 21.53 25.52
C THR B 359 -11.26 22.29 26.00
N PHE B 360 -10.09 21.91 25.50
CA PHE B 360 -8.82 22.47 25.96
C PHE B 360 -8.17 23.15 24.76
N SER B 361 -7.68 24.37 24.96
CA SER B 361 -7.16 25.16 23.86
C SER B 361 -5.66 25.37 24.00
N SER B 362 -4.98 25.41 22.88
CA SER B 362 -3.54 25.63 22.88
C SER B 362 -3.25 27.11 22.72
N THR B 363 -1.99 27.45 22.89
CA THR B 363 -1.53 28.76 22.43
C THR B 363 -1.42 28.71 20.91
N PRO B 364 -1.36 29.86 20.25
CA PRO B 364 -1.31 29.86 18.78
C PRO B 364 -0.19 29.01 18.21
N ILE B 365 -0.52 28.28 17.15
CA ILE B 365 0.40 27.42 16.42
C ILE B 365 0.53 27.97 15.00
N SER B 366 1.77 28.23 14.58
CA SER B 366 2.01 28.74 13.23
C SER B 366 1.89 27.60 12.24
N LEU B 367 0.94 27.72 11.31
CA LEU B 367 0.80 26.79 10.19
C LEU B 367 1.08 27.55 8.91
N THR B 368 2.11 27.16 8.19
CA THR B 368 2.31 27.75 6.89
C THR B 368 1.34 27.14 5.90
N ALA B 369 1.09 27.86 4.81
CA ALA B 369 0.20 27.38 3.77
C ALA B 369 0.79 26.15 3.09
N GLY B 370 -0.07 25.18 2.80
CA GLY B 370 0.31 24.01 2.06
C GLY B 370 -0.03 22.74 2.82
N ASP B 371 0.66 21.67 2.46
CA ASP B 371 0.39 20.34 2.99
C ASP B 371 1.14 20.12 4.30
N HIS B 372 0.43 19.69 5.34
CA HIS B 372 1.03 19.43 6.65
C HIS B 372 0.37 18.22 7.28
N ILE B 373 1.08 17.61 8.22
CA ILE B 373 0.60 16.48 9.01
C ILE B 373 0.47 16.96 10.44
N LEU B 374 -0.75 16.95 10.97
CA LEU B 374 -0.99 17.26 12.37
C LEU B 374 -1.00 15.95 13.14
N ARG B 375 -0.16 15.88 14.17
CA ARG B 375 0.05 14.63 14.88
C ARG B 375 -0.28 14.83 16.35
N VAL B 376 -1.16 13.99 16.86
CA VAL B 376 -1.61 14.03 18.24
C VAL B 376 -1.09 12.77 18.94
N GLU B 377 -0.29 12.97 19.99
CA GLU B 377 0.53 11.95 20.62
C GLU B 377 0.18 11.85 22.10
N SER B 378 -0.38 10.72 22.52
CA SER B 378 -0.50 10.48 23.95
C SER B 378 0.89 10.29 24.55
N LYS B 379 1.16 11.02 25.63
CA LYS B 379 2.42 10.88 26.37
C LYS B 379 2.20 10.07 27.65
N SER B 380 2.24 8.74 27.53
CA SER B 380 2.05 7.82 28.65
C SER B 380 0.82 8.21 29.47
N SER B 381 -0.33 8.29 28.80
CA SER B 381 -1.53 8.90 29.36
C SER B 381 -2.77 8.09 29.00
N ARG B 382 -3.83 8.35 29.76
CA ARG B 382 -5.06 7.58 29.70
C ARG B 382 -6.20 8.58 29.55
N PHE B 383 -6.78 8.67 28.35
CA PHE B 383 -7.77 9.70 28.09
C PHE B 383 -8.60 9.30 26.89
N GLY B 384 -9.75 9.99 26.73
CA GLY B 384 -10.61 9.84 25.57
C GLY B 384 -10.56 11.10 24.73
N PHE B 385 -10.80 10.94 23.43
CA PHE B 385 -10.51 11.96 22.43
C PHE B 385 -11.62 11.91 21.39
N ASN B 386 -12.43 12.96 21.35
CA ASN B 386 -13.68 13.02 20.61
C ASN B 386 -13.52 13.73 19.27
N TRP B 387 -12.91 14.92 19.29
CA TRP B 387 -12.65 15.72 18.12
C TRP B 387 -11.60 16.76 18.48
N LEU B 388 -11.12 17.44 17.45
CA LEU B 388 -10.18 18.54 17.57
C LEU B 388 -10.70 19.70 16.71
N GLU B 389 -10.20 20.89 16.98
CA GLU B 389 -10.66 22.06 16.25
C GLU B 389 -9.51 23.04 16.04
N LEU B 390 -9.43 23.56 14.82
CA LEU B 390 -8.45 24.58 14.45
C LEU B 390 -9.21 25.83 14.04
N THR B 391 -8.91 26.95 14.69
CA THR B 391 -9.50 28.24 14.36
C THR B 391 -8.40 29.30 14.26
N ASN B 392 -8.68 30.36 13.50
CA ASN B 392 -7.74 31.47 13.40
C ASN B 392 -8.51 32.74 13.59
#